data_7Z7W
# 
_entry.id   7Z7W 
# 
_audit_conform.dict_name       mmcif_pdbx.dic 
_audit_conform.dict_version    5.385 
_audit_conform.dict_location   http://mmcif.pdb.org/dictionaries/ascii/mmcif_pdbx.dic 
# 
loop_
_database_2.database_id 
_database_2.database_code 
_database_2.pdbx_database_accession 
_database_2.pdbx_DOI 
PDB   7Z7W         pdb_00007z7w 10.2210/pdb7z7w/pdb 
WWPDB D_1292120575 ?            ?                   
# 
loop_
_pdbx_audit_revision_history.ordinal 
_pdbx_audit_revision_history.data_content_type 
_pdbx_audit_revision_history.major_revision 
_pdbx_audit_revision_history.minor_revision 
_pdbx_audit_revision_history.revision_date 
1 'Structure model' 1 0 2023-03-29 
2 'Structure model' 1 1 2023-10-11 
3 'Structure model' 1 2 2024-02-07 
# 
_pdbx_audit_revision_details.ordinal             1 
_pdbx_audit_revision_details.revision_ordinal    1 
_pdbx_audit_revision_details.data_content_type   'Structure model' 
_pdbx_audit_revision_details.provider            repository 
_pdbx_audit_revision_details.type                'Initial release' 
_pdbx_audit_revision_details.description         ? 
_pdbx_audit_revision_details.details             ? 
# 
loop_
_pdbx_audit_revision_group.ordinal 
_pdbx_audit_revision_group.revision_ordinal 
_pdbx_audit_revision_group.data_content_type 
_pdbx_audit_revision_group.group 
1 2 'Structure model' 'Data collection'        
2 2 'Structure model' 'Database references'    
3 3 'Structure model' 'Refinement description' 
# 
loop_
_pdbx_audit_revision_category.ordinal 
_pdbx_audit_revision_category.revision_ordinal 
_pdbx_audit_revision_category.data_content_type 
_pdbx_audit_revision_category.category 
1 2 'Structure model' chem_comp_atom                
2 2 'Structure model' chem_comp_bond                
3 2 'Structure model' citation                      
4 2 'Structure model' citation_author               
5 3 'Structure model' pdbx_initial_refinement_model 
# 
loop_
_pdbx_audit_revision_item.ordinal 
_pdbx_audit_revision_item.revision_ordinal 
_pdbx_audit_revision_item.data_content_type 
_pdbx_audit_revision_item.item 
1  2 'Structure model' '_citation.journal_abbrev'          
2  2 'Structure model' '_citation.journal_id_CSD'          
3  2 'Structure model' '_citation.journal_id_ISSN'         
4  2 'Structure model' '_citation.journal_volume'          
5  2 'Structure model' '_citation.page_first'              
6  2 'Structure model' '_citation.page_last'               
7  2 'Structure model' '_citation.pdbx_database_id_DOI'    
8  2 'Structure model' '_citation.pdbx_database_id_PubMed' 
9  2 'Structure model' '_citation.title'                   
10 2 'Structure model' '_citation.year'                    
# 
_pdbx_database_status.status_code                     REL 
_pdbx_database_status.status_code_sf                  REL 
_pdbx_database_status.status_code_mr                  ? 
_pdbx_database_status.entry_id                        7Z7W 
_pdbx_database_status.recvd_initial_deposition_date   2022-03-16 
_pdbx_database_status.SG_entry                        N 
_pdbx_database_status.deposit_site                    PDBE 
_pdbx_database_status.process_site                    PDBE 
_pdbx_database_status.status_code_cs                  ? 
_pdbx_database_status.status_code_nmr_data            ? 
_pdbx_database_status.methods_development_category    ? 
_pdbx_database_status.pdb_format_compatible           Y 
# 
_pdbx_contact_author.id                 2 
_pdbx_contact_author.email              bohdan@ibt.cas.cz 
_pdbx_contact_author.name_first         Bohdan 
_pdbx_contact_author.name_last          Schneider 
_pdbx_contact_author.name_mi            ? 
_pdbx_contact_author.role               'principal investigator/group leader' 
_pdbx_contact_author.identifier_ORCID   0000-0001-7855-3690 
# 
loop_
_audit_author.name 
_audit_author.pdbx_ordinal 
_audit_author.identifier_ORCID 
'Svoboda, J.'   1 0000-0003-3056-2357 
'Schneider, B.' 2 0000-0001-7855-3690 
'Berdar, D.'    3 ?                   
'Kolenko, P.'   4 0000-0002-4619-9276 
# 
_citation.abstract                  ? 
_citation.abstract_id_CAS           ? 
_citation.book_id_ISBN              ? 
_citation.book_publisher            ? 
_citation.book_publisher_city       ? 
_citation.book_title                ? 
_citation.coordinate_linkage        ? 
_citation.country                   ? 
_citation.database_id_Medline       ? 
_citation.details                   ? 
_citation.id                        primary 
_citation.journal_abbrev            'Acta Crystallogr D Struct Biol' 
_citation.journal_id_ASTM           ? 
_citation.journal_id_CSD            ? 
_citation.journal_id_ISSN           2059-7983 
_citation.journal_full              ? 
_citation.journal_issue             ? 
_citation.journal_volume            79 
_citation.language                  ? 
_citation.page_first                655 
_citation.page_last                 665 
_citation.title                     'Conformation-based refinement of 18-mer DNA structures.' 
_citation.year                      2023 
_citation.database_id_CSD           ? 
_citation.pdbx_database_id_DOI      10.1107/S2059798323004679 
_citation.pdbx_database_id_PubMed   37338420 
_citation.pdbx_database_id_patent   ? 
_citation.unpublished_flag          ? 
# 
loop_
_citation_author.citation_id 
_citation_author.name 
_citation_author.ordinal 
_citation_author.identifier_ORCID 
primary 'Svoboda, J.'   1 0000-0003-3056-2357 
primary 'Berdar, D.'    2 ?                   
primary 'Kolenko, P.'   3 0000-0002-4619-9276 
primary 'Cerny, J.'     4 0000-0002-1969-9304 
primary 'Novakova, Z.'  5 0000-0001-9804-6346 
primary 'Pavlicek, J.'  6 ?                   
primary 'Schneider, B.' 7 0000-0001-7855-3690 
# 
loop_
_entity.id 
_entity.type 
_entity.src_method 
_entity.pdbx_description 
_entity.formula_weight 
_entity.pdbx_number_of_molecules 
_entity.pdbx_ec 
_entity.pdbx_mutation 
_entity.pdbx_fragment 
_entity.details 
1 polymer     syn 'Chom18-GC DNA' 5519.542 1 ? ? ? ? 
2 non-polymer syn 'STRONTIUM ION' 87.620   1 ? ? ? ? 
# 
_entity_poly.entity_id                      1 
_entity_poly.type                           polydeoxyribonucleotide 
_entity_poly.nstd_linkage                   no 
_entity_poly.nstd_monomer                   no 
_entity_poly.pdbx_seq_one_letter_code       '(DG)(DG)(DT)(DG)(DG)(DG)(DG)(DC)(DG)(DC)(DG)(DC)(DC)(DC)(DC)(DA)(DC)(DC)' 
_entity_poly.pdbx_seq_one_letter_code_can   GGTGGGGCGCGCCCCACC 
_entity_poly.pdbx_strand_id                 A 
_entity_poly.pdbx_target_identifier         ? 
# 
_pdbx_entity_nonpoly.entity_id   2 
_pdbx_entity_nonpoly.name        'STRONTIUM ION' 
_pdbx_entity_nonpoly.comp_id     SR 
# 
loop_
_entity_poly_seq.entity_id 
_entity_poly_seq.num 
_entity_poly_seq.mon_id 
_entity_poly_seq.hetero 
1 1  DG n 
1 2  DG n 
1 3  DT n 
1 4  DG n 
1 5  DG n 
1 6  DG n 
1 7  DG n 
1 8  DC n 
1 9  DG n 
1 10 DC n 
1 11 DG n 
1 12 DC n 
1 13 DC n 
1 14 DC n 
1 15 DC n 
1 16 DA n 
1 17 DC n 
1 18 DC n 
# 
_pdbx_entity_src_syn.entity_id              1 
_pdbx_entity_src_syn.pdbx_src_id            1 
_pdbx_entity_src_syn.pdbx_alt_source_flag   sample 
_pdbx_entity_src_syn.pdbx_beg_seq_num       1 
_pdbx_entity_src_syn.pdbx_end_seq_num       18 
_pdbx_entity_src_syn.organism_scientific    'Cardiobacterium hominis' 
_pdbx_entity_src_syn.organism_common_name   ? 
_pdbx_entity_src_syn.ncbi_taxonomy_id       2718 
_pdbx_entity_src_syn.details                ? 
# 
loop_
_chem_comp.id 
_chem_comp.type 
_chem_comp.mon_nstd_flag 
_chem_comp.name 
_chem_comp.pdbx_synonyms 
_chem_comp.formula 
_chem_comp.formula_weight 
DA 'DNA linking' y "2'-DEOXYADENOSINE-5'-MONOPHOSPHATE" ? 'C10 H14 N5 O6 P' 331.222 
DC 'DNA linking' y "2'-DEOXYCYTIDINE-5'-MONOPHOSPHATE"  ? 'C9 H14 N3 O7 P'  307.197 
DG 'DNA linking' y "2'-DEOXYGUANOSINE-5'-MONOPHOSPHATE" ? 'C10 H14 N5 O7 P' 347.221 
DT 'DNA linking' y "THYMIDINE-5'-MONOPHOSPHATE"         ? 'C10 H15 N2 O8 P' 322.208 
SR non-polymer   . 'STRONTIUM ION'                      ? 'Sr 2'            87.620  
# 
loop_
_pdbx_poly_seq_scheme.asym_id 
_pdbx_poly_seq_scheme.entity_id 
_pdbx_poly_seq_scheme.seq_id 
_pdbx_poly_seq_scheme.mon_id 
_pdbx_poly_seq_scheme.ndb_seq_num 
_pdbx_poly_seq_scheme.pdb_seq_num 
_pdbx_poly_seq_scheme.auth_seq_num 
_pdbx_poly_seq_scheme.pdb_mon_id 
_pdbx_poly_seq_scheme.auth_mon_id 
_pdbx_poly_seq_scheme.pdb_strand_id 
_pdbx_poly_seq_scheme.pdb_ins_code 
_pdbx_poly_seq_scheme.hetero 
A 1 1  DG 1  1  1  DG DG A . n 
A 1 2  DG 2  2  2  DG DG A . n 
A 1 3  DT 3  3  3  DT DT A . n 
A 1 4  DG 4  4  4  DG DG A . n 
A 1 5  DG 5  5  5  DG DG A . n 
A 1 6  DG 6  6  6  DG DG A . n 
A 1 7  DG 7  7  7  DG DG A . n 
A 1 8  DC 8  8  8  DC DC A . n 
A 1 9  DG 9  9  9  DG DG A . n 
A 1 10 DC 10 10 10 DC DC A . n 
A 1 11 DG 11 11 11 DG DG A . n 
A 1 12 DC 12 12 12 DC DC A . n 
A 1 13 DC 13 13 13 DC DC A . n 
A 1 14 DC 14 14 14 DC DC A . n 
A 1 15 DC 15 15 15 DC DC A . n 
A 1 16 DA 16 16 16 DA DA A . n 
A 1 17 DC 17 17 17 DC DC A . n 
A 1 18 DC 18 18 18 DC DC A . n 
# 
_pdbx_nonpoly_scheme.asym_id         B 
_pdbx_nonpoly_scheme.entity_id       2 
_pdbx_nonpoly_scheme.mon_id          SR 
_pdbx_nonpoly_scheme.ndb_seq_num     1 
_pdbx_nonpoly_scheme.pdb_seq_num     101 
_pdbx_nonpoly_scheme.auth_seq_num    102 
_pdbx_nonpoly_scheme.pdb_mon_id      SR 
_pdbx_nonpoly_scheme.auth_mon_id     SR 
_pdbx_nonpoly_scheme.pdb_strand_id   A 
_pdbx_nonpoly_scheme.pdb_ins_code    . 
# 
loop_
_software.citation_id 
_software.classification 
_software.compiler_name 
_software.compiler_version 
_software.contact_author 
_software.contact_author_email 
_software.date 
_software.description 
_software.dependencies 
_software.hardware 
_software.language 
_software.location 
_software.mods 
_software.name 
_software.os 
_software.os_version 
_software.type 
_software.version 
_software.pdbx_ordinal 
? refinement       ? ? ? ? ? ? ? ? ? ? ? PHENIX  ? ? ? 1.19.2_4158 1 
? 'data reduction' ? ? ? ? ? ? ? ? ? ? ? XDS     ? ? ? .           2 
? 'data scaling'   ? ? ? ? ? ? ? ? ? ? ? Aimless ? ? ? .           3 
? phasing          ? ? ? ? ? ? ? ? ? ? ? PHASER  ? ? ? .           4 
# 
_cell.angle_alpha                  90.000 
_cell.angle_alpha_esd              ? 
_cell.angle_beta                   90.000 
_cell.angle_beta_esd               ? 
_cell.angle_gamma                  90.000 
_cell.angle_gamma_esd              ? 
_cell.entry_id                     7Z7W 
_cell.details                      ? 
_cell.formula_units_Z              ? 
_cell.length_a                     38.618 
_cell.length_a_esd                 ? 
_cell.length_b                     38.618 
_cell.length_b_esd                 ? 
_cell.length_c                     87.950 
_cell.length_c_esd                 ? 
_cell.volume                       131164.226 
_cell.volume_esd                   ? 
_cell.Z_PDB                        8 
_cell.reciprocal_angle_alpha       ? 
_cell.reciprocal_angle_beta        ? 
_cell.reciprocal_angle_gamma       ? 
_cell.reciprocal_angle_alpha_esd   ? 
_cell.reciprocal_angle_beta_esd    ? 
_cell.reciprocal_angle_gamma_esd   ? 
_cell.reciprocal_length_a          ? 
_cell.reciprocal_length_b          ? 
_cell.reciprocal_length_c          ? 
_cell.reciprocal_length_a_esd      ? 
_cell.reciprocal_length_b_esd      ? 
_cell.reciprocal_length_c_esd      ? 
_cell.pdbx_unique_axis             ? 
# 
_symmetry.entry_id                         7Z7W 
_symmetry.cell_setting                     ? 
_symmetry.Int_Tables_number                96 
_symmetry.space_group_name_Hall            'P 4nw 2abw' 
_symmetry.space_group_name_H-M             'P 43 21 2' 
_symmetry.pdbx_full_space_group_name_H-M   ? 
# 
_exptl.absorpt_coefficient_mu     ? 
_exptl.absorpt_correction_T_max   ? 
_exptl.absorpt_correction_T_min   ? 
_exptl.absorpt_correction_type    ? 
_exptl.absorpt_process_details    ? 
_exptl.entry_id                   7Z7W 
_exptl.crystals_number            1 
_exptl.details                    ? 
_exptl.method                     'X-RAY DIFFRACTION' 
_exptl.method_details             ? 
# 
_exptl_crystal.colour                      ? 
_exptl_crystal.density_diffrn              ? 
_exptl_crystal.density_Matthews            2.97 
_exptl_crystal.density_method              ? 
_exptl_crystal.density_percent_sol         58.59 
_exptl_crystal.description                 ? 
_exptl_crystal.F_000                       ? 
_exptl_crystal.id                          1 
_exptl_crystal.preparation                 ? 
_exptl_crystal.size_max                    ? 
_exptl_crystal.size_mid                    ? 
_exptl_crystal.size_min                    ? 
_exptl_crystal.size_rad                    ? 
_exptl_crystal.colour_lustre               ? 
_exptl_crystal.colour_modifier             ? 
_exptl_crystal.colour_primary              ? 
_exptl_crystal.density_meas                ? 
_exptl_crystal.density_meas_esd            ? 
_exptl_crystal.density_meas_gt             ? 
_exptl_crystal.density_meas_lt             ? 
_exptl_crystal.density_meas_temp           ? 
_exptl_crystal.density_meas_temp_esd       ? 
_exptl_crystal.density_meas_temp_gt        ? 
_exptl_crystal.density_meas_temp_lt        ? 
_exptl_crystal.pdbx_crystal_image_url      ? 
_exptl_crystal.pdbx_crystal_image_format   ? 
_exptl_crystal.pdbx_mosaicity              ? 
_exptl_crystal.pdbx_mosaicity_esd          ? 
# 
_exptl_crystal_grow.apparatus       ? 
_exptl_crystal_grow.atmosphere      ? 
_exptl_crystal_grow.crystal_id      1 
_exptl_crystal_grow.details         ? 
_exptl_crystal_grow.method          'VAPOR DIFFUSION, HANGING DROP' 
_exptl_crystal_grow.method_ref      ? 
_exptl_crystal_grow.pH              6.5 
_exptl_crystal_grow.pressure        ? 
_exptl_crystal_grow.pressure_esd    ? 
_exptl_crystal_grow.seeding         ? 
_exptl_crystal_grow.seeding_ref     ? 
_exptl_crystal_grow.temp            293 
_exptl_crystal_grow.temp_details    ? 
_exptl_crystal_grow.temp_esd        ? 
_exptl_crystal_grow.time            ? 
_exptl_crystal_grow.pdbx_details    
;Natrix crystallization screen (Hampton Research)
precipitant 18-22% (+/-)-2-Methyl-2,4-pentanediol
buffer 0.04 M Sodium cacodylate trihydrate
salt 0.04 M Magnezium chloride hexahydrate
0.08 M Strontium chloride hexahydrate
additive 0.012 M spermine tetrahydrochloride
;
_exptl_crystal_grow.pdbx_pH_range   ? 
# 
_diffrn.ambient_environment              ? 
_diffrn.ambient_temp                     100 
_diffrn.ambient_temp_details             ? 
_diffrn.ambient_temp_esd                 ? 
_diffrn.crystal_id                       1 
_diffrn.crystal_support                  ? 
_diffrn.crystal_treatment                ? 
_diffrn.details                          ? 
_diffrn.id                               1 
_diffrn.ambient_pressure                 ? 
_diffrn.ambient_pressure_esd             ? 
_diffrn.ambient_pressure_gt              ? 
_diffrn.ambient_pressure_lt              ? 
_diffrn.ambient_temp_gt                  ? 
_diffrn.ambient_temp_lt                  ? 
_diffrn.pdbx_serial_crystal_experiment   N 
# 
_diffrn_detector.details                      ? 
_diffrn_detector.detector                     PIXEL 
_diffrn_detector.diffrn_id                    1 
_diffrn_detector.type                         'DECTRIS PILATUS 6M' 
_diffrn_detector.area_resol_mean              ? 
_diffrn_detector.dtime                        ? 
_diffrn_detector.pdbx_frames_total            ? 
_diffrn_detector.pdbx_collection_time_total   ? 
_diffrn_detector.pdbx_collection_date         2021-07-22 
_diffrn_detector.pdbx_frequency               ? 
# 
_diffrn_radiation.collimation                      ? 
_diffrn_radiation.diffrn_id                        1 
_diffrn_radiation.filter_edge                      ? 
_diffrn_radiation.inhomogeneity                    ? 
_diffrn_radiation.monochromator                    'Si (111)' 
_diffrn_radiation.polarisn_norm                    ? 
_diffrn_radiation.polarisn_ratio                   ? 
_diffrn_radiation.probe                            ? 
_diffrn_radiation.type                             ? 
_diffrn_radiation.xray_symbol                      ? 
_diffrn_radiation.wavelength_id                    1 
_diffrn_radiation.pdbx_monochromatic_or_laue_m_l   M 
_diffrn_radiation.pdbx_wavelength_list             ? 
_diffrn_radiation.pdbx_wavelength                  ? 
_diffrn_radiation.pdbx_diffrn_protocol             'SINGLE WAVELENGTH' 
_diffrn_radiation.pdbx_analyzer                    ? 
_diffrn_radiation.pdbx_scattering_type             x-ray 
# 
_diffrn_radiation_wavelength.id           1 
_diffrn_radiation_wavelength.wavelength   0.9184 
_diffrn_radiation_wavelength.wt           1.0 
# 
_diffrn_source.current                     ? 
_diffrn_source.details                     ? 
_diffrn_source.diffrn_id                   1 
_diffrn_source.power                       ? 
_diffrn_source.size                        ? 
_diffrn_source.source                      SYNCHROTRON 
_diffrn_source.target                      ? 
_diffrn_source.type                        'BESSY BEAMLINE 14.1' 
_diffrn_source.voltage                     ? 
_diffrn_source.take-off_angle              ? 
_diffrn_source.pdbx_wavelength_list        0.9184 
_diffrn_source.pdbx_wavelength             ? 
_diffrn_source.pdbx_synchrotron_beamline   14.1 
_diffrn_source.pdbx_synchrotron_site       BESSY 
# 
_reflns.B_iso_Wilson_estimate                          103.16 
_reflns.entry_id                                       7Z7W 
_reflns.data_reduction_details                         ? 
_reflns.data_reduction_method                          ? 
_reflns.d_resolution_high                              2.75 
_reflns.d_resolution_low                               43.97 
_reflns.details                                        ? 
_reflns.limit_h_max                                    ? 
_reflns.limit_h_min                                    ? 
_reflns.limit_k_max                                    ? 
_reflns.limit_k_min                                    ? 
_reflns.limit_l_max                                    ? 
_reflns.limit_l_min                                    ? 
_reflns.number_all                                     ? 
_reflns.number_obs                                     1997 
_reflns.observed_criterion                             ? 
_reflns.observed_criterion_F_max                       ? 
_reflns.observed_criterion_F_min                       ? 
_reflns.observed_criterion_I_max                       ? 
_reflns.observed_criterion_I_min                       ? 
_reflns.observed_criterion_sigma_F                     ? 
_reflns.observed_criterion_sigma_I                     ? 
_reflns.percent_possible_obs                           99.9 
_reflns.R_free_details                                 ? 
_reflns.Rmerge_F_all                                   ? 
_reflns.Rmerge_F_obs                                   ? 
_reflns.Friedel_coverage                               ? 
_reflns.number_gt                                      ? 
_reflns.threshold_expression                           ? 
_reflns.pdbx_redundancy                                22.6 
_reflns.pdbx_Rmerge_I_obs                              0.069 
_reflns.pdbx_Rmerge_I_all                              ? 
_reflns.pdbx_Rsym_value                                ? 
_reflns.pdbx_netI_over_av_sigmaI                       ? 
_reflns.pdbx_netI_over_sigmaI                          25.3 
_reflns.pdbx_res_netI_over_av_sigmaI_2                 ? 
_reflns.pdbx_res_netI_over_sigmaI_2                    ? 
_reflns.pdbx_chi_squared                               1.02 
_reflns.pdbx_scaling_rejects                           ? 
_reflns.pdbx_d_res_high_opt                            ? 
_reflns.pdbx_d_res_low_opt                             ? 
_reflns.pdbx_d_res_opt_method                          ? 
_reflns.phase_calculation_details                      ? 
_reflns.pdbx_Rrim_I_all                                0.071 
_reflns.pdbx_Rpim_I_all                                0.016 
_reflns.pdbx_d_opt                                     ? 
_reflns.pdbx_number_measured_all                       ? 
_reflns.pdbx_diffrn_id                                 1 
_reflns.pdbx_ordinal                                   1 
_reflns.pdbx_CC_half                                   0.999 
_reflns.pdbx_CC_star                                   ? 
_reflns.pdbx_R_split                                   ? 
_reflns.pdbx_aniso_diffraction_limit_axis_1_ortho[1]   ? 
_reflns.pdbx_aniso_diffraction_limit_axis_1_ortho[2]   ? 
_reflns.pdbx_aniso_diffraction_limit_axis_1_ortho[3]   ? 
_reflns.pdbx_aniso_diffraction_limit_axis_2_ortho[1]   ? 
_reflns.pdbx_aniso_diffraction_limit_axis_2_ortho[2]   ? 
_reflns.pdbx_aniso_diffraction_limit_axis_2_ortho[3]   ? 
_reflns.pdbx_aniso_diffraction_limit_axis_3_ortho[1]   ? 
_reflns.pdbx_aniso_diffraction_limit_axis_3_ortho[2]   ? 
_reflns.pdbx_aniso_diffraction_limit_axis_3_ortho[3]   ? 
_reflns.pdbx_aniso_diffraction_limit_1                 ? 
_reflns.pdbx_aniso_diffraction_limit_2                 ? 
_reflns.pdbx_aniso_diffraction_limit_3                 ? 
_reflns.pdbx_aniso_B_tensor_eigenvector_1_ortho[1]     ? 
_reflns.pdbx_aniso_B_tensor_eigenvector_1_ortho[2]     ? 
_reflns.pdbx_aniso_B_tensor_eigenvector_1_ortho[3]     ? 
_reflns.pdbx_aniso_B_tensor_eigenvector_2_ortho[1]     ? 
_reflns.pdbx_aniso_B_tensor_eigenvector_2_ortho[2]     ? 
_reflns.pdbx_aniso_B_tensor_eigenvector_2_ortho[3]     ? 
_reflns.pdbx_aniso_B_tensor_eigenvector_3_ortho[1]     ? 
_reflns.pdbx_aniso_B_tensor_eigenvector_3_ortho[2]     ? 
_reflns.pdbx_aniso_B_tensor_eigenvector_3_ortho[3]     ? 
_reflns.pdbx_aniso_B_tensor_eigenvalue_1               ? 
_reflns.pdbx_aniso_B_tensor_eigenvalue_2               ? 
_reflns.pdbx_aniso_B_tensor_eigenvalue_3               ? 
_reflns.pdbx_orthogonalization_convention              ? 
_reflns.pdbx_percent_possible_ellipsoidal              ? 
_reflns.pdbx_percent_possible_spherical                ? 
_reflns.pdbx_percent_possible_ellipsoidal_anomalous    ? 
_reflns.pdbx_percent_possible_spherical_anomalous      ? 
_reflns.pdbx_redundancy_anomalous                      ? 
_reflns.pdbx_CC_half_anomalous                         ? 
_reflns.pdbx_absDiff_over_sigma_anomalous              ? 
_reflns.pdbx_percent_possible_anomalous                ? 
_reflns.pdbx_observed_signal_threshold                 ? 
_reflns.pdbx_signal_type                               ? 
_reflns.pdbx_signal_details                            ? 
_reflns.pdbx_signal_software_id                        ? 
# 
_reflns_shell.d_res_high                                    2.75 
_reflns_shell.d_res_low                                     2.92 
_reflns_shell.meanI_over_sigI_all                           ? 
_reflns_shell.meanI_over_sigI_obs                           2.1 
_reflns_shell.number_measured_all                           ? 
_reflns_shell.number_measured_obs                           ? 
_reflns_shell.number_possible                               ? 
_reflns_shell.number_unique_all                             ? 
_reflns_shell.number_unique_obs                             295 
_reflns_shell.percent_possible_all                          99.6 
_reflns_shell.percent_possible_obs                          ? 
_reflns_shell.Rmerge_F_all                                  ? 
_reflns_shell.Rmerge_F_obs                                  ? 
_reflns_shell.Rmerge_I_all                                  ? 
_reflns_shell.Rmerge_I_obs                                  1.819 
_reflns_shell.meanI_over_sigI_gt                            ? 
_reflns_shell.meanI_over_uI_all                             ? 
_reflns_shell.meanI_over_uI_gt                              ? 
_reflns_shell.number_measured_gt                            ? 
_reflns_shell.number_unique_gt                              ? 
_reflns_shell.percent_possible_gt                           ? 
_reflns_shell.Rmerge_F_gt                                   ? 
_reflns_shell.Rmerge_I_gt                                   ? 
_reflns_shell.pdbx_redundancy                               ? 
_reflns_shell.pdbx_Rsym_value                               ? 
_reflns_shell.pdbx_chi_squared                              0.98 
_reflns_shell.pdbx_netI_over_sigmaI_all                     ? 
_reflns_shell.pdbx_netI_over_sigmaI_obs                     ? 
_reflns_shell.pdbx_Rrim_I_all                               1.856 
_reflns_shell.pdbx_Rpim_I_all                               0.366 
_reflns_shell.pdbx_rejects                                  ? 
_reflns_shell.pdbx_ordinal                                  1 
_reflns_shell.pdbx_diffrn_id                                1 
_reflns_shell.pdbx_CC_half                                  0.908 
_reflns_shell.pdbx_CC_star                                  ? 
_reflns_shell.pdbx_R_split                                  ? 
_reflns_shell.pdbx_percent_possible_ellipsoidal             ? 
_reflns_shell.pdbx_percent_possible_spherical               ? 
_reflns_shell.pdbx_percent_possible_ellipsoidal_anomalous   ? 
_reflns_shell.pdbx_percent_possible_spherical_anomalous     ? 
_reflns_shell.pdbx_redundancy_anomalous                     ? 
_reflns_shell.pdbx_CC_half_anomalous                        ? 
_reflns_shell.pdbx_absDiff_over_sigma_anomalous             ? 
_reflns_shell.pdbx_percent_possible_anomalous               ? 
# 
_refine.aniso_B[1][1]                            ? 
_refine.aniso_B[1][2]                            ? 
_refine.aniso_B[1][3]                            ? 
_refine.aniso_B[2][2]                            ? 
_refine.aniso_B[2][3]                            ? 
_refine.aniso_B[3][3]                            ? 
_refine.B_iso_max                                ? 
_refine.B_iso_mean                               96.49 
_refine.B_iso_min                                ? 
_refine.correlation_coeff_Fo_to_Fc               ? 
_refine.correlation_coeff_Fo_to_Fc_free          ? 
_refine.details                                  ? 
_refine.diff_density_max                         ? 
_refine.diff_density_max_esd                     ? 
_refine.diff_density_min                         ? 
_refine.diff_density_min_esd                     ? 
_refine.diff_density_rms                         ? 
_refine.diff_density_rms_esd                     ? 
_refine.entry_id                                 7Z7W 
_refine.pdbx_refine_id                           'X-RAY DIFFRACTION' 
_refine.ls_abs_structure_details                 ? 
_refine.ls_abs_structure_Flack                   ? 
_refine.ls_abs_structure_Flack_esd               ? 
_refine.ls_abs_structure_Rogers                  ? 
_refine.ls_abs_structure_Rogers_esd              ? 
_refine.ls_d_res_high                            2.75 
_refine.ls_d_res_low                             23.35 
_refine.ls_extinction_coef                       ? 
_refine.ls_extinction_coef_esd                   ? 
_refine.ls_extinction_expression                 ? 
_refine.ls_extinction_method                     ? 
_refine.ls_goodness_of_fit_all                   ? 
_refine.ls_goodness_of_fit_all_esd               ? 
_refine.ls_goodness_of_fit_obs                   ? 
_refine.ls_goodness_of_fit_obs_esd               ? 
_refine.ls_hydrogen_treatment                    ? 
_refine.ls_matrix_type                           ? 
_refine.ls_number_constraints                    ? 
_refine.ls_number_parameters                     ? 
_refine.ls_number_reflns_all                     ? 
_refine.ls_number_reflns_obs                     1952 
_refine.ls_number_reflns_R_free                  110 
_refine.ls_number_reflns_R_work                  0 
_refine.ls_number_restraints                     ? 
_refine.ls_percent_reflns_obs                    99.39 
_refine.ls_percent_reflns_R_free                 5 
_refine.ls_R_factor_all                          ? 
_refine.ls_R_factor_obs                          0.2657 
_refine.ls_R_factor_R_free                       0.3332 
_refine.ls_R_factor_R_free_error                 ? 
_refine.ls_R_factor_R_free_error_details         ? 
_refine.ls_R_factor_R_work                       0.2575 
_refine.ls_R_Fsqd_factor_obs                     ? 
_refine.ls_R_I_factor_obs                        ? 
_refine.ls_redundancy_reflns_all                 ? 
_refine.ls_redundancy_reflns_obs                 ? 
_refine.ls_restrained_S_all                      ? 
_refine.ls_restrained_S_obs                      ? 
_refine.ls_shift_over_esd_max                    ? 
_refine.ls_shift_over_esd_mean                   ? 
_refine.ls_structure_factor_coef                 ? 
_refine.ls_weighting_details                     ? 
_refine.ls_weighting_scheme                      ? 
_refine.ls_wR_factor_all                         ? 
_refine.ls_wR_factor_obs                         ? 
_refine.ls_wR_factor_R_free                      ? 
_refine.ls_wR_factor_R_work                      ? 
_refine.occupancy_max                            ? 
_refine.occupancy_min                            ? 
_refine.solvent_model_details                    'FLAT BULK SOLVENT MODEL' 
_refine.solvent_model_param_bsol                 ? 
_refine.solvent_model_param_ksol                 ? 
_refine.pdbx_R_complete                          ? 
_refine.ls_R_factor_gt                           ? 
_refine.ls_goodness_of_fit_gt                    ? 
_refine.ls_goodness_of_fit_ref                   ? 
_refine.ls_shift_over_su_max                     ? 
_refine.ls_shift_over_su_max_lt                  ? 
_refine.ls_shift_over_su_mean                    ? 
_refine.ls_shift_over_su_mean_lt                 ? 
_refine.pdbx_ls_sigma_I                          ? 
_refine.pdbx_ls_sigma_F                          1.34 
_refine.pdbx_ls_sigma_Fsqd                       ? 
_refine.pdbx_data_cutoff_high_absF               ? 
_refine.pdbx_data_cutoff_high_rms_absF           ? 
_refine.pdbx_data_cutoff_low_absF                ? 
_refine.pdbx_isotropic_thermal_model             ? 
_refine.pdbx_ls_cross_valid_method               'FREE R-VALUE' 
_refine.pdbx_method_to_determine_struct          'MOLECULAR REPLACEMENT' 
_refine.pdbx_starting_model                      6ROS 
_refine.pdbx_stereochemistry_target_values       'GeoStd + Monomer Library + CDL v1.2' 
_refine.pdbx_R_Free_selection_details            Random 
_refine.pdbx_stereochem_target_val_spec_case     ? 
_refine.pdbx_overall_ESU_R                       ? 
_refine.pdbx_overall_ESU_R_Free                  ? 
_refine.pdbx_solvent_vdw_probe_radii             1.1100 
_refine.pdbx_solvent_ion_probe_radii             ? 
_refine.pdbx_solvent_shrinkage_radii             0.9000 
_refine.pdbx_real_space_R                        ? 
_refine.pdbx_density_correlation                 ? 
_refine.pdbx_pd_number_of_powder_patterns        ? 
_refine.pdbx_pd_number_of_points                 ? 
_refine.pdbx_pd_meas_number_of_points            ? 
_refine.pdbx_pd_proc_ls_prof_R_factor            ? 
_refine.pdbx_pd_proc_ls_prof_wR_factor           ? 
_refine.pdbx_pd_Marquardt_correlation_coeff      ? 
_refine.pdbx_pd_Fsqrd_R_factor                   ? 
_refine.pdbx_pd_ls_matrix_band_width             ? 
_refine.pdbx_overall_phase_error                 35.3069 
_refine.pdbx_overall_SU_R_free_Cruickshank_DPI   ? 
_refine.pdbx_overall_SU_R_free_Blow_DPI          ? 
_refine.pdbx_overall_SU_R_Blow_DPI               ? 
_refine.pdbx_TLS_residual_ADP_flag               ? 
_refine.pdbx_diffrn_id                           1 
_refine.overall_SU_B                             ? 
_refine.overall_SU_ML                            0.5684 
_refine.overall_SU_R_Cruickshank_DPI             ? 
_refine.overall_SU_R_free                        ? 
_refine.overall_FOM_free_R_set                   ? 
_refine.overall_FOM_work_R_set                   ? 
_refine.pdbx_average_fsc_overall                 ? 
_refine.pdbx_average_fsc_work                    ? 
_refine.pdbx_average_fsc_free                    ? 
# 
_refine_hist.pdbx_refine_id                   'X-RAY DIFFRACTION' 
_refine_hist.cycle_id                         LAST 
_refine_hist.details                          ? 
_refine_hist.d_res_high                       2.75 
_refine_hist.d_res_low                        23.35 
_refine_hist.number_atoms_solvent             0 
_refine_hist.number_atoms_total               367 
_refine_hist.number_reflns_all                ? 
_refine_hist.number_reflns_obs                ? 
_refine_hist.number_reflns_R_free             ? 
_refine_hist.number_reflns_R_work             ? 
_refine_hist.R_factor_all                     ? 
_refine_hist.R_factor_obs                     ? 
_refine_hist.R_factor_R_free                  ? 
_refine_hist.R_factor_R_work                  ? 
_refine_hist.pdbx_number_residues_total       ? 
_refine_hist.pdbx_B_iso_mean_ligand           ? 
_refine_hist.pdbx_B_iso_mean_solvent          ? 
_refine_hist.pdbx_number_atoms_protein        0 
_refine_hist.pdbx_number_atoms_nucleic_acid   366 
_refine_hist.pdbx_number_atoms_ligand         1 
_refine_hist.pdbx_number_atoms_lipid          ? 
_refine_hist.pdbx_number_atoms_carb           ? 
_refine_hist.pdbx_pseudo_atom_details         ? 
# 
loop_
_refine_ls_restr.pdbx_refine_id 
_refine_ls_restr.criterion 
_refine_ls_restr.dev_ideal 
_refine_ls_restr.dev_ideal_target 
_refine_ls_restr.number 
_refine_ls_restr.rejects 
_refine_ls_restr.type 
_refine_ls_restr.weight 
_refine_ls_restr.pdbx_restraint_function 
'X-RAY DIFFRACTION' ? 0.0082  ? 410 ? f_bond_d           ? ? 
'X-RAY DIFFRACTION' ? 0.7471  ? 631 ? f_angle_d          ? ? 
'X-RAY DIFFRACTION' ? 0.0420  ? 71  ? f_chiral_restr     ? ? 
'X-RAY DIFFRACTION' ? 0.0036  ? 18  ? f_plane_restr      ? ? 
'X-RAY DIFFRACTION' ? 16.0112 ? 176 ? f_dihedral_angle_d ? ? 
# 
_refine_ls_shell.pdbx_refine_id                   'X-RAY DIFFRACTION' 
_refine_ls_shell.d_res_high                       2.75 
_refine_ls_shell.d_res_low                        2.85 
_refine_ls_shell.number_reflns_all                ? 
_refine_ls_shell.number_reflns_obs                ? 
_refine_ls_shell.number_reflns_R_free             9 
_refine_ls_shell.number_reflns_R_work             168 
_refine_ls_shell.percent_reflns_obs               100.00 
_refine_ls_shell.percent_reflns_R_free            5.1 
_refine_ls_shell.R_factor_all                     ? 
_refine_ls_shell.R_factor_obs                     ? 
_refine_ls_shell.R_factor_R_free                  0.6537 
_refine_ls_shell.R_factor_R_free_error            ? 
_refine_ls_shell.R_factor_R_work                  0.4877 
_refine_ls_shell.redundancy_reflns_all            ? 
_refine_ls_shell.redundancy_reflns_obs            ? 
_refine_ls_shell.wR_factor_all                    ? 
_refine_ls_shell.wR_factor_obs                    ? 
_refine_ls_shell.wR_factor_R_free                 ? 
_refine_ls_shell.wR_factor_R_work                 ? 
_refine_ls_shell.pdbx_R_complete                  ? 
_refine_ls_shell.pdbx_total_number_of_bins_used   ? 
_refine_ls_shell.pdbx_phase_error                 ? 
_refine_ls_shell.pdbx_fsc_work                    ? 
_refine_ls_shell.pdbx_fsc_free                    ? 
# 
_struct.entry_id                     7Z7W 
_struct.title                        'REP-related Chom18 variant with double GC base pairing' 
_struct.pdbx_model_details           ? 
_struct.pdbx_formula_weight          ? 
_struct.pdbx_formula_weight_method   ? 
_struct.pdbx_model_type_details      ? 
_struct.pdbx_CASP_flag               N 
# 
_struct_keywords.entry_id        7Z7W 
_struct_keywords.text            'Mismatch, Non-canonical, Base pair, Double helix, DNA' 
_struct_keywords.pdbx_keywords   DNA 
# 
loop_
_struct_asym.id 
_struct_asym.pdbx_blank_PDB_chainid_flag 
_struct_asym.pdbx_modified 
_struct_asym.entity_id 
_struct_asym.details 
A N N 1 ? 
B N N 2 ? 
# 
_struct_ref.id                         1 
_struct_ref.db_name                    PDB 
_struct_ref.db_code                    7Z7W 
_struct_ref.pdbx_db_accession          7Z7W 
_struct_ref.pdbx_db_isoform            ? 
_struct_ref.entity_id                  1 
_struct_ref.pdbx_seq_one_letter_code   ? 
_struct_ref.pdbx_align_begin           1 
# 
_struct_ref_seq.align_id                      1 
_struct_ref_seq.ref_id                        1 
_struct_ref_seq.pdbx_PDB_id_code              7Z7W 
_struct_ref_seq.pdbx_strand_id                A 
_struct_ref_seq.seq_align_beg                 1 
_struct_ref_seq.pdbx_seq_align_beg_ins_code   ? 
_struct_ref_seq.seq_align_end                 18 
_struct_ref_seq.pdbx_seq_align_end_ins_code   ? 
_struct_ref_seq.pdbx_db_accession             7Z7W 
_struct_ref_seq.db_align_beg                  1 
_struct_ref_seq.pdbx_db_align_beg_ins_code    ? 
_struct_ref_seq.db_align_end                  18 
_struct_ref_seq.pdbx_db_align_end_ins_code    ? 
_struct_ref_seq.pdbx_auth_seq_align_beg       1 
_struct_ref_seq.pdbx_auth_seq_align_end       18 
# 
_pdbx_struct_assembly.id                   1 
_pdbx_struct_assembly.details              author_and_software_defined_assembly 
_pdbx_struct_assembly.method_details       PISA 
_pdbx_struct_assembly.oligomeric_details   dimeric 
_pdbx_struct_assembly.oligomeric_count     2 
# 
loop_
_pdbx_struct_assembly_prop.biol_id 
_pdbx_struct_assembly_prop.type 
_pdbx_struct_assembly_prop.value 
_pdbx_struct_assembly_prop.details 
1 'ABSA (A^2)' 2240 ? 
1 MORE         -68  ? 
1 'SSA (A^2)'  6320 ? 
# 
_pdbx_struct_assembly_gen.assembly_id       1 
_pdbx_struct_assembly_gen.oper_expression   1,2 
_pdbx_struct_assembly_gen.asym_id_list      A,B 
# 
_pdbx_struct_assembly_auth_evidence.id                     1 
_pdbx_struct_assembly_auth_evidence.assembly_id            1 
_pdbx_struct_assembly_auth_evidence.experimental_support   none 
_pdbx_struct_assembly_auth_evidence.details                ? 
# 
loop_
_pdbx_struct_oper_list.id 
_pdbx_struct_oper_list.type 
_pdbx_struct_oper_list.name 
_pdbx_struct_oper_list.symmetry_operation 
_pdbx_struct_oper_list.matrix[1][1] 
_pdbx_struct_oper_list.matrix[1][2] 
_pdbx_struct_oper_list.matrix[1][3] 
_pdbx_struct_oper_list.vector[1] 
_pdbx_struct_oper_list.matrix[2][1] 
_pdbx_struct_oper_list.matrix[2][2] 
_pdbx_struct_oper_list.matrix[2][3] 
_pdbx_struct_oper_list.vector[2] 
_pdbx_struct_oper_list.matrix[3][1] 
_pdbx_struct_oper_list.matrix[3][2] 
_pdbx_struct_oper_list.matrix[3][3] 
_pdbx_struct_oper_list.vector[3] 
1 'identity operation'         1_555 x,y,z      1.0000000000  0.0000000000 0.0000000000 0.0000000000  0.0000000000 1.0000000000  0.0000000000 0.0000000000 0.0000000000 0.0000000000 1.0000000000 0.0000000000 
2 'crystal symmetry operation' 7_465 y-1,x+1,-z -0.9217829684 0.1276035789 0.3661058396 -2.7972854439 0.1276035789 -0.7918270096 0.5972665347 1.6284560914 0.3661058396 0.5972665347 0.7136099781 0.0300419641 
# 
loop_
_struct_conn.id 
_struct_conn.conn_type_id 
_struct_conn.pdbx_leaving_atom_flag 
_struct_conn.pdbx_PDB_id 
_struct_conn.ptnr1_label_asym_id 
_struct_conn.ptnr1_label_comp_id 
_struct_conn.ptnr1_label_seq_id 
_struct_conn.ptnr1_label_atom_id 
_struct_conn.pdbx_ptnr1_label_alt_id 
_struct_conn.pdbx_ptnr1_PDB_ins_code 
_struct_conn.pdbx_ptnr1_standard_comp_id 
_struct_conn.ptnr1_symmetry 
_struct_conn.ptnr2_label_asym_id 
_struct_conn.ptnr2_label_comp_id 
_struct_conn.ptnr2_label_seq_id 
_struct_conn.ptnr2_label_atom_id 
_struct_conn.pdbx_ptnr2_label_alt_id 
_struct_conn.pdbx_ptnr2_PDB_ins_code 
_struct_conn.ptnr1_auth_asym_id 
_struct_conn.ptnr1_auth_comp_id 
_struct_conn.ptnr1_auth_seq_id 
_struct_conn.ptnr2_auth_asym_id 
_struct_conn.ptnr2_auth_comp_id 
_struct_conn.ptnr2_auth_seq_id 
_struct_conn.ptnr2_symmetry 
_struct_conn.pdbx_ptnr3_label_atom_id 
_struct_conn.pdbx_ptnr3_label_seq_id 
_struct_conn.pdbx_ptnr3_label_comp_id 
_struct_conn.pdbx_ptnr3_label_asym_id 
_struct_conn.pdbx_ptnr3_label_alt_id 
_struct_conn.pdbx_ptnr3_PDB_ins_code 
_struct_conn.details 
_struct_conn.pdbx_dist_value 
_struct_conn.pdbx_value_order 
_struct_conn.pdbx_role 
hydrog1  hydrog ? ? A DG 1  N1 ? ? ? 1_555 A DC 18 N3 ? ? A DG 1  A DC 18 7_465 ? ? ? ? ? ? WATSON-CRICK            ? ? ? 
hydrog2  hydrog ? ? A DG 1  N2 ? ? ? 1_555 A DC 18 O2 ? ? A DG 1  A DC 18 7_465 ? ? ? ? ? ? WATSON-CRICK            ? ? ? 
hydrog3  hydrog ? ? A DG 1  O6 ? ? ? 1_555 A DC 18 N4 ? ? A DG 1  A DC 18 7_465 ? ? ? ? ? ? WATSON-CRICK            ? ? ? 
hydrog4  hydrog ? ? A DG 2  N1 ? ? ? 1_555 A DC 17 N3 ? ? A DG 2  A DC 17 7_465 ? ? ? ? ? ? WATSON-CRICK            ? ? ? 
hydrog5  hydrog ? ? A DG 2  N2 ? ? ? 1_555 A DC 17 O2 ? ? A DG 2  A DC 17 7_465 ? ? ? ? ? ? WATSON-CRICK            ? ? ? 
hydrog6  hydrog ? ? A DG 2  O6 ? ? ? 1_555 A DC 17 N4 ? ? A DG 2  A DC 17 7_465 ? ? ? ? ? ? WATSON-CRICK            ? ? ? 
hydrog7  hydrog ? ? A DT 3  N3 ? ? ? 1_555 A DA 16 N1 ? ? A DT 3  A DA 16 7_465 ? ? ? ? ? ? WATSON-CRICK            ? ? ? 
hydrog8  hydrog ? ? A DT 3  O4 ? ? ? 1_555 A DA 16 N6 ? ? A DT 3  A DA 16 7_465 ? ? ? ? ? ? WATSON-CRICK            ? ? ? 
hydrog9  hydrog ? ? A DG 4  N1 ? ? ? 1_555 A DC 15 N3 ? ? A DG 4  A DC 15 7_465 ? ? ? ? ? ? WATSON-CRICK            ? ? ? 
hydrog10 hydrog ? ? A DG 4  N2 ? ? ? 1_555 A DC 15 O2 ? ? A DG 4  A DC 15 7_465 ? ? ? ? ? ? WATSON-CRICK            ? ? ? 
hydrog11 hydrog ? ? A DG 4  O6 ? ? ? 1_555 A DC 15 N4 ? ? A DG 4  A DC 15 7_465 ? ? ? ? ? ? WATSON-CRICK            ? ? ? 
hydrog12 hydrog ? ? A DG 5  N1 ? ? ? 1_555 A DC 14 N3 ? ? A DG 5  A DC 14 7_465 ? ? ? ? ? ? WATSON-CRICK            ? ? ? 
hydrog13 hydrog ? ? A DG 5  N2 ? ? ? 1_555 A DC 14 O2 ? ? A DG 5  A DC 14 7_465 ? ? ? ? ? ? WATSON-CRICK            ? ? ? 
hydrog14 hydrog ? ? A DG 5  O6 ? ? ? 1_555 A DC 14 N4 ? ? A DG 5  A DC 14 7_465 ? ? ? ? ? ? WATSON-CRICK            ? ? ? 
hydrog15 hydrog ? ? A DG 6  N1 ? ? ? 1_555 A DC 13 O2 ? ? A DG 6  A DC 13 7_465 ? ? ? ? ? ? 'REVERSED WATSON-CRICK' ? ? ? 
hydrog16 hydrog ? ? A DG 6  N2 ? ? ? 1_555 A DC 13 N3 ? ? A DG 6  A DC 13 7_465 ? ? ? ? ? ? 'REVERSED WATSON-CRICK' ? ? ? 
hydrog17 hydrog ? ? A DG 7  N1 ? ? ? 1_555 A DC 12 N3 ? ? A DG 7  A DC 12 7_465 ? ? ? ? ? ? WATSON-CRICK            ? ? ? 
hydrog18 hydrog ? ? A DG 7  N2 ? ? ? 1_555 A DC 12 O2 ? ? A DG 7  A DC 12 7_465 ? ? ? ? ? ? WATSON-CRICK            ? ? ? 
hydrog19 hydrog ? ? A DG 7  O6 ? ? ? 1_555 A DC 12 N4 ? ? A DG 7  A DC 12 7_465 ? ? ? ? ? ? WATSON-CRICK            ? ? ? 
hydrog20 hydrog ? ? A DC 8  N3 ? ? ? 1_555 A DG 11 N1 ? ? A DC 8  A DG 11 7_465 ? ? ? ? ? ? WATSON-CRICK            ? ? ? 
hydrog21 hydrog ? ? A DC 8  N4 ? ? ? 1_555 A DG 11 O6 ? ? A DC 8  A DG 11 7_465 ? ? ? ? ? ? WATSON-CRICK            ? ? ? 
hydrog22 hydrog ? ? A DC 8  O2 ? ? ? 1_555 A DG 11 N2 ? ? A DC 8  A DG 11 7_465 ? ? ? ? ? ? WATSON-CRICK            ? ? ? 
hydrog23 hydrog ? ? A DG 9  N1 ? ? ? 1_555 A DG 9  O6 ? ? A DG 9  A DG 9  7_465 ? ? ? ? ? ? TYPE_3_PAIR             ? ? ? 
hydrog24 hydrog ? ? A DG 9  O6 ? ? ? 1_555 A DG 9  N1 ? ? A DG 9  A DG 9  7_465 ? ? ? ? ? ? TYPE_3_PAIR             ? ? ? 
hydrog25 hydrog ? ? A DC 10 O2 ? ? ? 1_555 A DG 9  N1 ? ? A DC 10 A DG 9  7_465 ? ? ? ? ? ? 'DC-DG PAIR'            ? ? ? 
hydrog26 hydrog ? ? A DG 11 N1 ? ? ? 1_555 A DC 8  N3 ? ? A DG 11 A DC 8  7_465 ? ? ? ? ? ? WATSON-CRICK            ? ? ? 
hydrog27 hydrog ? ? A DG 11 N2 ? ? ? 1_555 A DC 8  O2 ? ? A DG 11 A DC 8  7_465 ? ? ? ? ? ? WATSON-CRICK            ? ? ? 
hydrog28 hydrog ? ? A DG 11 O6 ? ? ? 1_555 A DC 8  N4 ? ? A DG 11 A DC 8  7_465 ? ? ? ? ? ? WATSON-CRICK            ? ? ? 
hydrog29 hydrog ? ? A DC 12 N3 ? ? ? 1_555 A DG 7  N1 ? ? A DC 12 A DG 7  7_465 ? ? ? ? ? ? WATSON-CRICK            ? ? ? 
hydrog30 hydrog ? ? A DC 12 N4 ? ? ? 1_555 A DG 7  O6 ? ? A DC 12 A DG 7  7_465 ? ? ? ? ? ? WATSON-CRICK            ? ? ? 
hydrog31 hydrog ? ? A DC 12 O2 ? ? ? 1_555 A DG 7  N2 ? ? A DC 12 A DG 7  7_465 ? ? ? ? ? ? WATSON-CRICK            ? ? ? 
hydrog32 hydrog ? ? A DC 13 N3 ? ? ? 1_555 A DG 6  N2 ? ? A DC 13 A DG 6  7_465 ? ? ? ? ? ? 'REVERSED WATSON-CRICK' ? ? ? 
hydrog33 hydrog ? ? A DC 13 O2 ? ? ? 1_555 A DG 6  N1 ? ? A DC 13 A DG 6  7_465 ? ? ? ? ? ? 'REVERSED WATSON-CRICK' ? ? ? 
hydrog34 hydrog ? ? A DC 14 N3 ? ? ? 1_555 A DG 5  N1 ? ? A DC 14 A DG 5  7_465 ? ? ? ? ? ? WATSON-CRICK            ? ? ? 
hydrog35 hydrog ? ? A DC 14 N4 ? ? ? 1_555 A DG 5  O6 ? ? A DC 14 A DG 5  7_465 ? ? ? ? ? ? WATSON-CRICK            ? ? ? 
hydrog36 hydrog ? ? A DC 14 O2 ? ? ? 1_555 A DG 5  N2 ? ? A DC 14 A DG 5  7_465 ? ? ? ? ? ? WATSON-CRICK            ? ? ? 
hydrog37 hydrog ? ? A DC 15 N3 ? ? ? 1_555 A DG 4  N1 ? ? A DC 15 A DG 4  7_465 ? ? ? ? ? ? WATSON-CRICK            ? ? ? 
hydrog38 hydrog ? ? A DC 15 N4 ? ? ? 1_555 A DG 4  O6 ? ? A DC 15 A DG 4  7_465 ? ? ? ? ? ? WATSON-CRICK            ? ? ? 
hydrog39 hydrog ? ? A DC 15 O2 ? ? ? 1_555 A DG 4  N2 ? ? A DC 15 A DG 4  7_465 ? ? ? ? ? ? WATSON-CRICK            ? ? ? 
hydrog40 hydrog ? ? A DA 16 N1 ? ? ? 1_555 A DT 3  N3 ? ? A DA 16 A DT 3  7_465 ? ? ? ? ? ? WATSON-CRICK            ? ? ? 
hydrog41 hydrog ? ? A DA 16 N6 ? ? ? 1_555 A DT 3  O4 ? ? A DA 16 A DT 3  7_465 ? ? ? ? ? ? WATSON-CRICK            ? ? ? 
hydrog42 hydrog ? ? A DC 17 N3 ? ? ? 1_555 A DG 2  N1 ? ? A DC 17 A DG 2  7_465 ? ? ? ? ? ? WATSON-CRICK            ? ? ? 
hydrog43 hydrog ? ? A DC 17 N4 ? ? ? 1_555 A DG 2  O6 ? ? A DC 17 A DG 2  7_465 ? ? ? ? ? ? WATSON-CRICK            ? ? ? 
hydrog44 hydrog ? ? A DC 17 O2 ? ? ? 1_555 A DG 2  N2 ? ? A DC 17 A DG 2  7_465 ? ? ? ? ? ? WATSON-CRICK            ? ? ? 
hydrog45 hydrog ? ? A DC 18 N3 ? ? ? 1_555 A DG 1  N1 ? ? A DC 18 A DG 1  7_465 ? ? ? ? ? ? WATSON-CRICK            ? ? ? 
hydrog46 hydrog ? ? A DC 18 N4 ? ? ? 1_555 A DG 1  O6 ? ? A DC 18 A DG 1  7_465 ? ? ? ? ? ? WATSON-CRICK            ? ? ? 
hydrog47 hydrog ? ? A DC 18 O2 ? ? ? 1_555 A DG 1  N2 ? ? A DC 18 A DG 1  7_465 ? ? ? ? ? ? WATSON-CRICK            ? ? ? 
# 
_struct_conn_type.id          hydrog 
_struct_conn_type.criteria    ? 
_struct_conn_type.reference   ? 
# 
_pdbx_validate_rmsd_bond.id                        1 
_pdbx_validate_rmsd_bond.PDB_model_num             1 
_pdbx_validate_rmsd_bond.auth_atom_id_1            "O3'" 
_pdbx_validate_rmsd_bond.auth_asym_id_1            A 
_pdbx_validate_rmsd_bond.auth_comp_id_1            DA 
_pdbx_validate_rmsd_bond.auth_seq_id_1             16 
_pdbx_validate_rmsd_bond.PDB_ins_code_1            ? 
_pdbx_validate_rmsd_bond.label_alt_id_1            ? 
_pdbx_validate_rmsd_bond.auth_atom_id_2            "C3'" 
_pdbx_validate_rmsd_bond.auth_asym_id_2            A 
_pdbx_validate_rmsd_bond.auth_comp_id_2            DA 
_pdbx_validate_rmsd_bond.auth_seq_id_2             16 
_pdbx_validate_rmsd_bond.PDB_ins_code_2            ? 
_pdbx_validate_rmsd_bond.label_alt_id_2            ? 
_pdbx_validate_rmsd_bond.bond_value                1.371 
_pdbx_validate_rmsd_bond.bond_target_value         1.419 
_pdbx_validate_rmsd_bond.bond_deviation            -0.048 
_pdbx_validate_rmsd_bond.bond_standard_deviation   0.006 
_pdbx_validate_rmsd_bond.linker_flag               N 
# 
loop_
_pdbx_validate_rmsd_angle.id 
_pdbx_validate_rmsd_angle.PDB_model_num 
_pdbx_validate_rmsd_angle.auth_atom_id_1 
_pdbx_validate_rmsd_angle.auth_asym_id_1 
_pdbx_validate_rmsd_angle.auth_comp_id_1 
_pdbx_validate_rmsd_angle.auth_seq_id_1 
_pdbx_validate_rmsd_angle.PDB_ins_code_1 
_pdbx_validate_rmsd_angle.label_alt_id_1 
_pdbx_validate_rmsd_angle.auth_atom_id_2 
_pdbx_validate_rmsd_angle.auth_asym_id_2 
_pdbx_validate_rmsd_angle.auth_comp_id_2 
_pdbx_validate_rmsd_angle.auth_seq_id_2 
_pdbx_validate_rmsd_angle.PDB_ins_code_2 
_pdbx_validate_rmsd_angle.label_alt_id_2 
_pdbx_validate_rmsd_angle.auth_atom_id_3 
_pdbx_validate_rmsd_angle.auth_asym_id_3 
_pdbx_validate_rmsd_angle.auth_comp_id_3 
_pdbx_validate_rmsd_angle.auth_seq_id_3 
_pdbx_validate_rmsd_angle.PDB_ins_code_3 
_pdbx_validate_rmsd_angle.label_alt_id_3 
_pdbx_validate_rmsd_angle.angle_value 
_pdbx_validate_rmsd_angle.angle_target_value 
_pdbx_validate_rmsd_angle.angle_deviation 
_pdbx_validate_rmsd_angle.angle_standard_deviation 
_pdbx_validate_rmsd_angle.linker_flag 
1 1 "O4'" A DG 4 ? ? "C1'" A DG 4 ? ? N9 A DG 4 ? ? 110.74 108.30 2.44 0.30 N 
2 1 "O4'" A DG 7 ? ? "C1'" A DG 7 ? ? N9 A DG 7 ? ? 110.12 108.30 1.82 0.30 N 
# 
loop_
_space_group_symop.id 
_space_group_symop.operation_xyz 
1 x,y,z               
2 -y+1/2,x+1/2,z+3/4  
3 y+1/2,-x+1/2,z+1/4  
4 x+1/2,-y+1/2,-z+1/4 
5 -x+1/2,y+1/2,-z+3/4 
6 -x,-y,z+1/2         
7 y,x,-z              
8 -y,-x,-z+1/2        
# 
_pdbx_entry_details.entry_id                 7Z7W 
_pdbx_entry_details.has_ligand_of_interest   N 
_pdbx_entry_details.compound_details         ? 
_pdbx_entry_details.source_details           ? 
_pdbx_entry_details.nonpolymer_details       ? 
_pdbx_entry_details.sequence_details         ? 
# 
loop_
_chem_comp_atom.comp_id 
_chem_comp_atom.atom_id 
_chem_comp_atom.type_symbol 
_chem_comp_atom.pdbx_aromatic_flag 
_chem_comp_atom.pdbx_stereo_config 
_chem_comp_atom.pdbx_ordinal 
DA OP3    O  N N 1   
DA P      P  N N 2   
DA OP1    O  N N 3   
DA OP2    O  N N 4   
DA "O5'"  O  N N 5   
DA "C5'"  C  N N 6   
DA "C4'"  C  N R 7   
DA "O4'"  O  N N 8   
DA "C3'"  C  N S 9   
DA "O3'"  O  N N 10  
DA "C2'"  C  N N 11  
DA "C1'"  C  N R 12  
DA N9     N  Y N 13  
DA C8     C  Y N 14  
DA N7     N  Y N 15  
DA C5     C  Y N 16  
DA C6     C  Y N 17  
DA N6     N  N N 18  
DA N1     N  Y N 19  
DA C2     C  Y N 20  
DA N3     N  Y N 21  
DA C4     C  Y N 22  
DA HOP3   H  N N 23  
DA HOP2   H  N N 24  
DA "H5'"  H  N N 25  
DA "H5''" H  N N 26  
DA "H4'"  H  N N 27  
DA "H3'"  H  N N 28  
DA "HO3'" H  N N 29  
DA "H2'"  H  N N 30  
DA "H2''" H  N N 31  
DA "H1'"  H  N N 32  
DA H8     H  N N 33  
DA H61    H  N N 34  
DA H62    H  N N 35  
DA H2     H  N N 36  
DC OP3    O  N N 37  
DC P      P  N N 38  
DC OP1    O  N N 39  
DC OP2    O  N N 40  
DC "O5'"  O  N N 41  
DC "C5'"  C  N N 42  
DC "C4'"  C  N R 43  
DC "O4'"  O  N N 44  
DC "C3'"  C  N S 45  
DC "O3'"  O  N N 46  
DC "C2'"  C  N N 47  
DC "C1'"  C  N R 48  
DC N1     N  N N 49  
DC C2     C  N N 50  
DC O2     O  N N 51  
DC N3     N  N N 52  
DC C4     C  N N 53  
DC N4     N  N N 54  
DC C5     C  N N 55  
DC C6     C  N N 56  
DC HOP3   H  N N 57  
DC HOP2   H  N N 58  
DC "H5'"  H  N N 59  
DC "H5''" H  N N 60  
DC "H4'"  H  N N 61  
DC "H3'"  H  N N 62  
DC "HO3'" H  N N 63  
DC "H2'"  H  N N 64  
DC "H2''" H  N N 65  
DC "H1'"  H  N N 66  
DC H41    H  N N 67  
DC H42    H  N N 68  
DC H5     H  N N 69  
DC H6     H  N N 70  
DG OP3    O  N N 71  
DG P      P  N N 72  
DG OP1    O  N N 73  
DG OP2    O  N N 74  
DG "O5'"  O  N N 75  
DG "C5'"  C  N N 76  
DG "C4'"  C  N R 77  
DG "O4'"  O  N N 78  
DG "C3'"  C  N S 79  
DG "O3'"  O  N N 80  
DG "C2'"  C  N N 81  
DG "C1'"  C  N R 82  
DG N9     N  Y N 83  
DG C8     C  Y N 84  
DG N7     N  Y N 85  
DG C5     C  Y N 86  
DG C6     C  N N 87  
DG O6     O  N N 88  
DG N1     N  N N 89  
DG C2     C  N N 90  
DG N2     N  N N 91  
DG N3     N  N N 92  
DG C4     C  Y N 93  
DG HOP3   H  N N 94  
DG HOP2   H  N N 95  
DG "H5'"  H  N N 96  
DG "H5''" H  N N 97  
DG "H4'"  H  N N 98  
DG "H3'"  H  N N 99  
DG "HO3'" H  N N 100 
DG "H2'"  H  N N 101 
DG "H2''" H  N N 102 
DG "H1'"  H  N N 103 
DG H8     H  N N 104 
DG H1     H  N N 105 
DG H21    H  N N 106 
DG H22    H  N N 107 
DT OP3    O  N N 108 
DT P      P  N N 109 
DT OP1    O  N N 110 
DT OP2    O  N N 111 
DT "O5'"  O  N N 112 
DT "C5'"  C  N N 113 
DT "C4'"  C  N R 114 
DT "O4'"  O  N N 115 
DT "C3'"  C  N S 116 
DT "O3'"  O  N N 117 
DT "C2'"  C  N N 118 
DT "C1'"  C  N R 119 
DT N1     N  N N 120 
DT C2     C  N N 121 
DT O2     O  N N 122 
DT N3     N  N N 123 
DT C4     C  N N 124 
DT O4     O  N N 125 
DT C5     C  N N 126 
DT C7     C  N N 127 
DT C6     C  N N 128 
DT HOP3   H  N N 129 
DT HOP2   H  N N 130 
DT "H5'"  H  N N 131 
DT "H5''" H  N N 132 
DT "H4'"  H  N N 133 
DT "H3'"  H  N N 134 
DT "HO3'" H  N N 135 
DT "H2'"  H  N N 136 
DT "H2''" H  N N 137 
DT "H1'"  H  N N 138 
DT H3     H  N N 139 
DT H71    H  N N 140 
DT H72    H  N N 141 
DT H73    H  N N 142 
DT H6     H  N N 143 
SR SR     SR N N 144 
# 
loop_
_chem_comp_bond.comp_id 
_chem_comp_bond.atom_id_1 
_chem_comp_bond.atom_id_2 
_chem_comp_bond.value_order 
_chem_comp_bond.pdbx_aromatic_flag 
_chem_comp_bond.pdbx_stereo_config 
_chem_comp_bond.pdbx_ordinal 
DA OP3   P      sing N N 1   
DA OP3   HOP3   sing N N 2   
DA P     OP1    doub N N 3   
DA P     OP2    sing N N 4   
DA P     "O5'"  sing N N 5   
DA OP2   HOP2   sing N N 6   
DA "O5'" "C5'"  sing N N 7   
DA "C5'" "C4'"  sing N N 8   
DA "C5'" "H5'"  sing N N 9   
DA "C5'" "H5''" sing N N 10  
DA "C4'" "O4'"  sing N N 11  
DA "C4'" "C3'"  sing N N 12  
DA "C4'" "H4'"  sing N N 13  
DA "O4'" "C1'"  sing N N 14  
DA "C3'" "O3'"  sing N N 15  
DA "C3'" "C2'"  sing N N 16  
DA "C3'" "H3'"  sing N N 17  
DA "O3'" "HO3'" sing N N 18  
DA "C2'" "C1'"  sing N N 19  
DA "C2'" "H2'"  sing N N 20  
DA "C2'" "H2''" sing N N 21  
DA "C1'" N9     sing N N 22  
DA "C1'" "H1'"  sing N N 23  
DA N9    C8     sing Y N 24  
DA N9    C4     sing Y N 25  
DA C8    N7     doub Y N 26  
DA C8    H8     sing N N 27  
DA N7    C5     sing Y N 28  
DA C5    C6     sing Y N 29  
DA C5    C4     doub Y N 30  
DA C6    N6     sing N N 31  
DA C6    N1     doub Y N 32  
DA N6    H61    sing N N 33  
DA N6    H62    sing N N 34  
DA N1    C2     sing Y N 35  
DA C2    N3     doub Y N 36  
DA C2    H2     sing N N 37  
DA N3    C4     sing Y N 38  
DC OP3   P      sing N N 39  
DC OP3   HOP3   sing N N 40  
DC P     OP1    doub N N 41  
DC P     OP2    sing N N 42  
DC P     "O5'"  sing N N 43  
DC OP2   HOP2   sing N N 44  
DC "O5'" "C5'"  sing N N 45  
DC "C5'" "C4'"  sing N N 46  
DC "C5'" "H5'"  sing N N 47  
DC "C5'" "H5''" sing N N 48  
DC "C4'" "O4'"  sing N N 49  
DC "C4'" "C3'"  sing N N 50  
DC "C4'" "H4'"  sing N N 51  
DC "O4'" "C1'"  sing N N 52  
DC "C3'" "O3'"  sing N N 53  
DC "C3'" "C2'"  sing N N 54  
DC "C3'" "H3'"  sing N N 55  
DC "O3'" "HO3'" sing N N 56  
DC "C2'" "C1'"  sing N N 57  
DC "C2'" "H2'"  sing N N 58  
DC "C2'" "H2''" sing N N 59  
DC "C1'" N1     sing N N 60  
DC "C1'" "H1'"  sing N N 61  
DC N1    C2     sing N N 62  
DC N1    C6     sing N N 63  
DC C2    O2     doub N N 64  
DC C2    N3     sing N N 65  
DC N3    C4     doub N N 66  
DC C4    N4     sing N N 67  
DC C4    C5     sing N N 68  
DC N4    H41    sing N N 69  
DC N4    H42    sing N N 70  
DC C5    C6     doub N N 71  
DC C5    H5     sing N N 72  
DC C6    H6     sing N N 73  
DG OP3   P      sing N N 74  
DG OP3   HOP3   sing N N 75  
DG P     OP1    doub N N 76  
DG P     OP2    sing N N 77  
DG P     "O5'"  sing N N 78  
DG OP2   HOP2   sing N N 79  
DG "O5'" "C5'"  sing N N 80  
DG "C5'" "C4'"  sing N N 81  
DG "C5'" "H5'"  sing N N 82  
DG "C5'" "H5''" sing N N 83  
DG "C4'" "O4'"  sing N N 84  
DG "C4'" "C3'"  sing N N 85  
DG "C4'" "H4'"  sing N N 86  
DG "O4'" "C1'"  sing N N 87  
DG "C3'" "O3'"  sing N N 88  
DG "C3'" "C2'"  sing N N 89  
DG "C3'" "H3'"  sing N N 90  
DG "O3'" "HO3'" sing N N 91  
DG "C2'" "C1'"  sing N N 92  
DG "C2'" "H2'"  sing N N 93  
DG "C2'" "H2''" sing N N 94  
DG "C1'" N9     sing N N 95  
DG "C1'" "H1'"  sing N N 96  
DG N9    C8     sing Y N 97  
DG N9    C4     sing Y N 98  
DG C8    N7     doub Y N 99  
DG C8    H8     sing N N 100 
DG N7    C5     sing Y N 101 
DG C5    C6     sing N N 102 
DG C5    C4     doub Y N 103 
DG C6    O6     doub N N 104 
DG C6    N1     sing N N 105 
DG N1    C2     sing N N 106 
DG N1    H1     sing N N 107 
DG C2    N2     sing N N 108 
DG C2    N3     doub N N 109 
DG N2    H21    sing N N 110 
DG N2    H22    sing N N 111 
DG N3    C4     sing N N 112 
DT OP3   P      sing N N 113 
DT OP3   HOP3   sing N N 114 
DT P     OP1    doub N N 115 
DT P     OP2    sing N N 116 
DT P     "O5'"  sing N N 117 
DT OP2   HOP2   sing N N 118 
DT "O5'" "C5'"  sing N N 119 
DT "C5'" "C4'"  sing N N 120 
DT "C5'" "H5'"  sing N N 121 
DT "C5'" "H5''" sing N N 122 
DT "C4'" "O4'"  sing N N 123 
DT "C4'" "C3'"  sing N N 124 
DT "C4'" "H4'"  sing N N 125 
DT "O4'" "C1'"  sing N N 126 
DT "C3'" "O3'"  sing N N 127 
DT "C3'" "C2'"  sing N N 128 
DT "C3'" "H3'"  sing N N 129 
DT "O3'" "HO3'" sing N N 130 
DT "C2'" "C1'"  sing N N 131 
DT "C2'" "H2'"  sing N N 132 
DT "C2'" "H2''" sing N N 133 
DT "C1'" N1     sing N N 134 
DT "C1'" "H1'"  sing N N 135 
DT N1    C2     sing N N 136 
DT N1    C6     sing N N 137 
DT C2    O2     doub N N 138 
DT C2    N3     sing N N 139 
DT N3    C4     sing N N 140 
DT N3    H3     sing N N 141 
DT C4    O4     doub N N 142 
DT C4    C5     sing N N 143 
DT C5    C7     sing N N 144 
DT C5    C6     doub N N 145 
DT C7    H71    sing N N 146 
DT C7    H72    sing N N 147 
DT C7    H73    sing N N 148 
DT C6    H6     sing N N 149 
# 
loop_
_ndb_struct_conf_na.entry_id 
_ndb_struct_conf_na.feature 
7Z7W 'a-form double helix'  
7Z7W 'mismatched base pair' 
# 
loop_
_ndb_struct_na_base_pair.model_number 
_ndb_struct_na_base_pair.i_label_asym_id 
_ndb_struct_na_base_pair.i_label_comp_id 
_ndb_struct_na_base_pair.i_label_seq_id 
_ndb_struct_na_base_pair.i_symmetry 
_ndb_struct_na_base_pair.j_label_asym_id 
_ndb_struct_na_base_pair.j_label_comp_id 
_ndb_struct_na_base_pair.j_label_seq_id 
_ndb_struct_na_base_pair.j_symmetry 
_ndb_struct_na_base_pair.shear 
_ndb_struct_na_base_pair.stretch 
_ndb_struct_na_base_pair.stagger 
_ndb_struct_na_base_pair.buckle 
_ndb_struct_na_base_pair.propeller 
_ndb_struct_na_base_pair.opening 
_ndb_struct_na_base_pair.pair_number 
_ndb_struct_na_base_pair.pair_name 
_ndb_struct_na_base_pair.i_auth_asym_id 
_ndb_struct_na_base_pair.i_auth_seq_id 
_ndb_struct_na_base_pair.i_PDB_ins_code 
_ndb_struct_na_base_pair.j_auth_asym_id 
_ndb_struct_na_base_pair.j_auth_seq_id 
_ndb_struct_na_base_pair.j_PDB_ins_code 
_ndb_struct_na_base_pair.hbond_type_28 
_ndb_struct_na_base_pair.hbond_type_12 
1 A DG 1  1_555 A DC 18 7_465 -0.179 -0.130 -0.473 -15.669 -3.242  -11.681 1  A_DG1:DC18_A A 1  ? A 18 ? 19 1 
1 A DG 2  1_555 A DC 17 7_465 -0.724 0.318  0.232  -0.299  -11.338 10.149  2  A_DG2:DC17_A A 2  ? A 17 ? 19 1 
1 A DT 3  1_555 A DA 16 7_465 0.529  0.037  0.795  -2.806  -15.626 6.051   3  A_DT3:DA16_A A 3  ? A 16 ? 20 1 
1 A DG 4  1_555 A DC 15 7_465 -0.210 -0.218 0.988  13.926  -16.047 4.734   4  A_DG4:DC15_A A 4  ? A 15 ? 19 1 
1 A DG 5  1_555 A DC 14 7_465 -0.602 -0.338 0.432  1.383   -5.556  4.926   5  A_DG5:DC14_A A 5  ? A 14 ? 19 1 
1 A DG 6  1_555 A DC 13 7_465 -0.519 0.292  0.209  -4.992  -2.675  16.687  6  A_DG6:DC13_A A 6  ? A 13 ? 22 1 
1 A DG 7  1_555 A DC 12 7_465 -0.212 0.256  -0.189 -6.682  -10.594 1.610   7  A_DG7:DC12_A A 7  ? A 12 ? 19 1 
1 A DC 8  1_555 A DG 11 7_465 0.261  -0.362 -0.317 -9.176  -17.024 -2.075  8  A_DC8:DG11_A A 8  ? A 11 ? 19 1 
1 A DG 9  1_555 A DG 9  7_465 0.000  1.071  -1.103 0.000   -24.811 -11.610 9  A_DG9:DG9_A  A 9  ? A 9  ? 3  1 
1 A DG 11 1_555 A DC 8  7_465 -0.261 -0.362 -0.317 9.176   -17.024 -2.075  10 A_DG11:DC8_A A 11 ? A 8  ? 19 1 
1 A DC 12 1_555 A DG 7  7_465 0.212  0.256  -0.189 6.682   -10.594 1.610   11 A_DC12:DG7_A A 12 ? A 7  ? 19 1 
1 A DC 13 1_555 A DG 6  7_465 0.519  0.292  0.209  4.992   -2.675  16.687  12 A_DC13:DG6_A A 13 ? A 6  ? 22 1 
1 A DC 14 1_555 A DG 5  7_465 0.602  -0.338 0.432  -1.383  -5.556  4.926   13 A_DC14:DG5_A A 14 ? A 5  ? 19 1 
1 A DC 15 1_555 A DG 4  7_465 0.210  -0.218 0.988  -13.926 -16.047 4.734   14 A_DC15:DG4_A A 15 ? A 4  ? 19 1 
1 A DA 16 1_555 A DT 3  7_465 -0.529 0.037  0.795  2.806   -15.626 6.051   15 A_DA16:DT3_A A 16 ? A 3  ? 20 1 
1 A DC 17 1_555 A DG 2  7_465 0.724  0.318  0.232  0.299   -11.338 10.149  16 A_DC17:DG2_A A 17 ? A 2  ? 19 1 
1 A DC 18 1_555 A DG 1  7_465 0.179  -0.130 -0.473 15.669  -3.242  -11.681 17 A_DC18:DG1_A A 18 ? A 1  ? 19 1 
# 
loop_
_ndb_struct_na_base_pair_step.model_number 
_ndb_struct_na_base_pair_step.i_label_asym_id_1 
_ndb_struct_na_base_pair_step.i_label_comp_id_1 
_ndb_struct_na_base_pair_step.i_label_seq_id_1 
_ndb_struct_na_base_pair_step.i_symmetry_1 
_ndb_struct_na_base_pair_step.j_label_asym_id_1 
_ndb_struct_na_base_pair_step.j_label_comp_id_1 
_ndb_struct_na_base_pair_step.j_label_seq_id_1 
_ndb_struct_na_base_pair_step.j_symmetry_1 
_ndb_struct_na_base_pair_step.i_label_asym_id_2 
_ndb_struct_na_base_pair_step.i_label_comp_id_2 
_ndb_struct_na_base_pair_step.i_label_seq_id_2 
_ndb_struct_na_base_pair_step.i_symmetry_2 
_ndb_struct_na_base_pair_step.j_label_asym_id_2 
_ndb_struct_na_base_pair_step.j_label_comp_id_2 
_ndb_struct_na_base_pair_step.j_label_seq_id_2 
_ndb_struct_na_base_pair_step.j_symmetry_2 
_ndb_struct_na_base_pair_step.shift 
_ndb_struct_na_base_pair_step.slide 
_ndb_struct_na_base_pair_step.rise 
_ndb_struct_na_base_pair_step.tilt 
_ndb_struct_na_base_pair_step.roll 
_ndb_struct_na_base_pair_step.twist 
_ndb_struct_na_base_pair_step.x_displacement 
_ndb_struct_na_base_pair_step.y_displacement 
_ndb_struct_na_base_pair_step.helical_rise 
_ndb_struct_na_base_pair_step.inclination 
_ndb_struct_na_base_pair_step.tip 
_ndb_struct_na_base_pair_step.helical_twist 
_ndb_struct_na_base_pair_step.step_number 
_ndb_struct_na_base_pair_step.step_name 
_ndb_struct_na_base_pair_step.i_auth_asym_id_1 
_ndb_struct_na_base_pair_step.i_auth_seq_id_1 
_ndb_struct_na_base_pair_step.i_PDB_ins_code_1 
_ndb_struct_na_base_pair_step.j_auth_asym_id_1 
_ndb_struct_na_base_pair_step.j_auth_seq_id_1 
_ndb_struct_na_base_pair_step.j_PDB_ins_code_1 
_ndb_struct_na_base_pair_step.i_auth_asym_id_2 
_ndb_struct_na_base_pair_step.i_auth_seq_id_2 
_ndb_struct_na_base_pair_step.i_PDB_ins_code_2 
_ndb_struct_na_base_pair_step.j_auth_asym_id_2 
_ndb_struct_na_base_pair_step.j_auth_seq_id_2 
_ndb_struct_na_base_pair_step.j_PDB_ins_code_2 
1 A DG 1  1_555 A DC 18 7_465 A DG 2  1_555 A DC 17 7_465 1.324  -1.136 2.764 -4.280  8.872  27.574 -3.718 -3.331 2.081 17.905 
8.638   29.248 1  AA_DG1DG2:DC17DC18_AA A 1  ? A 18 ? A 2  ? A 17 ? 
1 A DG 2  1_555 A DC 17 7_465 A DT 3  1_555 A DA 16 7_465 0.097  -1.153 3.480 -0.456  -2.407 39.467 -1.401 -0.201 3.540 -3.561 
0.674   39.540 2  AA_DG2DT3:DA16DC17_AA A 2  ? A 17 ? A 3  ? A 16 ? 
1 A DT 3  1_555 A DA 16 7_465 A DG 4  1_555 A DC 15 7_465 -0.189 -1.827 2.492 -1.382  9.160  22.805 -6.145 0.164  1.652 22.034 
3.324   24.592 3  AA_DT3DG4:DC15DA16_AA A 3  ? A 16 ? A 4  ? A 15 ? 
1 A DG 4  1_555 A DC 15 7_465 A DG 5  1_555 A DC 14 7_465 -0.383 -1.527 3.400 -1.527  5.552  31.543 -3.769 0.418  3.107 10.109 
2.780   32.051 4  AA_DG4DG5:DC14DC15_AA A 4  ? A 15 ? A 5  ? A 14 ? 
1 A DG 5  1_555 A DC 14 7_465 A DG 6  1_555 A DC 13 7_465 0.886  -1.570 3.270 1.091   4.058  33.546 -3.341 -1.351 3.090 6.997  
-1.881  33.800 5  AA_DG5DG6:DC13DC14_AA A 5  ? A 14 ? A 6  ? A 13 ? 
1 A DG 6  1_555 A DC 13 7_465 A DG 7  1_555 A DC 12 7_465 -0.419 -2.288 3.137 3.415   7.025  29.838 -5.501 1.370  2.484 13.356 
-6.493  30.821 6  AA_DG6DG7:DC12DC13_AA A 6  ? A 13 ? A 7  ? A 12 ? 
1 A DG 7  1_555 A DC 12 7_465 A DC 8  1_555 A DG 11 7_465 -0.830 -1.283 3.241 1.475   6.716  32.240 -3.345 1.702  2.882 11.925 
-2.620  32.946 7  AA_DG7DC8:DG11DC12_AA A 7  ? A 12 ? A 8  ? A 11 ? 
1 A DC 8  1_555 A DG 11 7_465 A DG 9  1_555 A DG 9  7_465 1.023  -1.692 4.159 -13.758 11.418 49.002 -2.836 -2.258 3.334 13.265 
15.985  51.972 8  AA_DC8DG9:DG9DG11_AA  A 8  ? A 11 ? A 9  ? A 9  ? 
1 A DG 9  1_555 A DG 9  7_465 A DG 11 1_555 A DC 8  7_465 -1.023 -1.692 4.159 13.758  11.418 49.002 -2.836 2.258  3.334 13.265 
-15.985 51.972 9  AA_DG9DG11:DC8DG9_AA  A 9  ? A 9  ? A 11 ? A 8  ? 
1 A DG 11 1_555 A DC 8  7_465 A DC 12 1_555 A DG 7  7_465 0.830  -1.283 3.241 -1.475  6.716  32.240 -3.345 -1.702 2.882 11.925 
2.620   32.946 10 AA_DG11DC12:DG7DC8_AA A 11 ? A 8  ? A 12 ? A 7  ? 
1 A DC 12 1_555 A DG 7  7_465 A DC 13 1_555 A DG 6  7_465 0.419  -2.288 3.137 -3.415  7.025  29.838 -5.501 -1.370 2.484 13.356 
6.493   30.821 11 AA_DC12DC13:DG6DG7_AA A 12 ? A 7  ? A 13 ? A 6  ? 
1 A DC 13 1_555 A DG 6  7_465 A DC 14 1_555 A DG 5  7_465 -0.886 -1.570 3.270 -1.091  4.058  33.546 -3.341 1.351  3.090 6.997  
1.881   33.800 12 AA_DC13DC14:DG5DG6_AA A 13 ? A 6  ? A 14 ? A 5  ? 
1 A DC 14 1_555 A DG 5  7_465 A DC 15 1_555 A DG 4  7_465 0.383  -1.527 3.400 1.527   5.552  31.543 -3.769 -0.418 3.107 10.109 
-2.780  32.051 13 AA_DC14DC15:DG4DG5_AA A 14 ? A 5  ? A 15 ? A 4  ? 
1 A DC 15 1_555 A DG 4  7_465 A DA 16 1_555 A DT 3  7_465 0.189  -1.827 2.492 1.382   9.160  22.805 -6.145 -0.164 1.652 22.034 
-3.324  24.592 14 AA_DC15DA16:DT3DG4_AA A 15 ? A 4  ? A 16 ? A 3  ? 
1 A DA 16 1_555 A DT 3  7_465 A DC 17 1_555 A DG 2  7_465 -0.097 -1.153 3.480 0.456   -2.407 39.467 -1.401 0.201  3.540 -3.561 
-0.674  39.540 15 AA_DA16DC17:DG2DT3_AA A 16 ? A 3  ? A 17 ? A 2  ? 
1 A DC 17 1_555 A DG 2  7_465 A DC 18 1_555 A DG 1  7_465 -1.324 -1.136 2.764 4.280   8.872  27.574 -3.718 3.331  2.081 17.905 
-8.638  29.248 16 AA_DC17DC18:DG1DG2_AA A 17 ? A 2  ? A 18 ? A 1  ? 
# 
loop_
_pdbx_audit_support.funding_organization 
_pdbx_audit_support.country 
_pdbx_audit_support.grant_number 
_pdbx_audit_support.ordinal 
'Ministry of Education, Youth and Sports of the Czech Republic' 'Czech Republic' LTAUSA18197    1 
'Czech Academy of Sciences'                                     'Czech Republic' 'RVO 86652036' 2 
# 
_pdbx_initial_refinement_model.id               1 
_pdbx_initial_refinement_model.entity_id_list   ? 
_pdbx_initial_refinement_model.type             'experimental model' 
_pdbx_initial_refinement_model.source_name      PDB 
_pdbx_initial_refinement_model.accession_code   6ROS 
_pdbx_initial_refinement_model.details          ? 
# 
_space_group.name_H-M_alt     'P 43 21 2' 
_space_group.name_Hall        'P 4nw 2abw' 
_space_group.IT_number        96 
_space_group.crystal_system   tetragonal 
_space_group.id               1 
# 
_atom_sites.entry_id                    7Z7W 
_atom_sites.Cartn_transf_matrix[1][1]   ? 
_atom_sites.Cartn_transf_matrix[1][2]   ? 
_atom_sites.Cartn_transf_matrix[1][3]   ? 
_atom_sites.Cartn_transf_matrix[2][1]   ? 
_atom_sites.Cartn_transf_matrix[2][2]   ? 
_atom_sites.Cartn_transf_matrix[2][3]   ? 
_atom_sites.Cartn_transf_matrix[3][1]   ? 
_atom_sites.Cartn_transf_matrix[3][2]   ? 
_atom_sites.Cartn_transf_matrix[3][3]   ? 
_atom_sites.Cartn_transf_vector[1]      ? 
_atom_sites.Cartn_transf_vector[2]      ? 
_atom_sites.Cartn_transf_vector[3]      ? 
_atom_sites.fract_transf_matrix[1][1]   0.01125340 
_atom_sites.fract_transf_matrix[1][2]   0.02104996 
_atom_sites.fract_transf_matrix[1][3]   0.01004047 
_atom_sites.fract_transf_matrix[2][1]   -0.00401126 
_atom_sites.fract_transf_matrix[2][2]   -0.00923512 
_atom_sites.fract_transf_matrix[2][3]   0.02385736 
_atom_sites.fract_transf_matrix[3][1]   0.01008761 
_atom_sites.fract_transf_matrix[3][2]   -0.00523525 
_atom_sites.fract_transf_matrix[3][3]   -0.00033047 
_atom_sites.fract_transf_vector[1]      -0.554568 
_atom_sites.fract_transf_vector[2]      0.448546 
_atom_sites.fract_transf_vector[3]      0.018377 
_atom_sites.solution_primary            ? 
_atom_sites.solution_secondary          ? 
_atom_sites.solution_hydrogens          ? 
_atom_sites.special_details             ? 
# 
loop_
_atom_type.symbol 
_atom_type.scat_dispersion_real 
_atom_type.scat_dispersion_imag 
_atom_type.scat_Cromer_Mann_a1 
_atom_type.scat_Cromer_Mann_a2 
_atom_type.scat_Cromer_Mann_a3 
_atom_type.scat_Cromer_Mann_a4 
_atom_type.scat_Cromer_Mann_b1 
_atom_type.scat_Cromer_Mann_b2 
_atom_type.scat_Cromer_Mann_b3 
_atom_type.scat_Cromer_Mann_b4 
_atom_type.scat_Cromer_Mann_c 
_atom_type.scat_source 
_atom_type.scat_dispersion_source 
C  ? ? 3.54356  2.42580 ? ? 25.62398 1.50364  ? ? 0.0 
;2-Gaussian fit: Grosse-Kunstleve RW, Sauter NK, Adams PD: Newsletter of the IUCr Commission on Crystallographic Computing 2004, 3, 22-31.
;
? 
N  ? ? 4.01032  2.96436 ? ? 19.97189 1.75589  ? ? 0.0 
;2-Gaussian fit: Grosse-Kunstleve RW, Sauter NK, Adams PD: Newsletter of the IUCr Commission on Crystallographic Computing 2004, 3, 22-31.
;
? 
O  ? ? 7.96527  ?       ? ? 9.05267  ?        ? ? 0.0 
;1-Gaussian fit: Grosse-Kunstleve RW, Sauter NK, Adams PD: Newsletter of the IUCr Commission on Crystallographic Computing 2004, 3, 22-31.
;
? 
P  ? ? 9.51135  5.44231 ? ? 1.42069  35.72801 ? ? 0.0 
;2-Gaussian fit: Grosse-Kunstleve RW, Sauter NK, Adams PD: Newsletter of the IUCr Commission on Crystallographic Computing 2004, 3, 22-31.
;
? 
SR ? ? 32.18652 5.63919 ? ? 2.35430  57.90393 ? ? 0.0 
;2-Gaussian fit: Grosse-Kunstleve RW, Sauter NK, Adams PD: Newsletter of the IUCr Commission on Crystallographic Computing 2004, 3, 22-31.
;
? 
# 
loop_
_atom_site.group_PDB 
_atom_site.id 
_atom_site.type_symbol 
_atom_site.label_atom_id 
_atom_site.label_alt_id 
_atom_site.label_comp_id 
_atom_site.label_asym_id 
_atom_site.label_entity_id 
_atom_site.label_seq_id 
_atom_site.pdbx_PDB_ins_code 
_atom_site.Cartn_x 
_atom_site.Cartn_y 
_atom_site.Cartn_z 
_atom_site.occupancy 
_atom_site.B_iso_or_equiv 
_atom_site.pdbx_formal_charge 
_atom_site.auth_seq_id 
_atom_site.auth_comp_id 
_atom_site.auth_asym_id 
_atom_site.auth_atom_id 
_atom_site.pdbx_PDB_model_num 
ATOM   1   O  "O5'" . DG A 1 1  ? -5.40102  18.58522  -14.33273 1.000 87.81823  ? 1   DG A "O5'" 1 
ATOM   2   C  "C5'" . DG A 1 1  ? -5.44387  19.99254  -14.21246 1.000 78.35882  ? 1   DG A "C5'" 1 
ATOM   3   C  "C4'" . DG A 1 1  ? -4.04327  20.56915  -14.11515 1.000 78.94901  ? 1   DG A "C4'" 1 
ATOM   4   O  "O4'" . DG A 1 1  ? -4.13473  21.95864  -13.71625 1.000 82.61123  ? 1   DG A "O4'" 1 
ATOM   5   C  "C3'" . DG A 1 1  ? -3.13905  19.89901  -13.07699 1.000 78.69969  ? 1   DG A "C3'" 1 
ATOM   6   O  "O3'" . DG A 1 1  ? -2.32883  18.89630  -13.68716 1.000 83.71513  ? 1   DG A "O3'" 1 
ATOM   7   C  "C2'" . DG A 1 1  ? -2.28295  21.06595  -12.59527 1.000 78.52699  ? 1   DG A "C2'" 1 
ATOM   8   C  "C1'" . DG A 1 1  ? -3.29778  22.19602  -12.60084 1.000 81.31149  ? 1   DG A "C1'" 1 
ATOM   9   N  N9    . DG A 1 1  ? -4.10917  22.22793  -11.39344 1.000 79.57196  ? 1   DG A N9    1 
ATOM   10  C  C8    . DG A 1 1  ? -5.40040  21.78307  -11.24488 1.000 81.42430  ? 1   DG A C8    1 
ATOM   11  N  N7    . DG A 1 1  ? -5.86876  21.94644  -10.03902 1.000 82.19644  ? 1   DG A N7    1 
ATOM   12  C  C5    . DG A 1 1  ? -4.82702  22.55626  -9.35164  1.000 81.52122  ? 1   DG A C5    1 
ATOM   13  C  C6    . DG A 1 1  ? -4.75305  22.98399  -8.00696  1.000 84.81329  ? 1   DG A C6    1 
ATOM   14  O  O6    . DG A 1 1  ? -5.62691  22.90232  -7.12697  1.000 87.44970  ? 1   DG A O6    1 
ATOM   15  N  N1    . DG A 1 1  ? -3.51178  23.55354  -7.71448  1.000 80.70701  ? 1   DG A N1    1 
ATOM   16  C  C2    . DG A 1 1  ? -2.47908  23.69014  -8.61275  1.000 80.32479  ? 1   DG A C2    1 
ATOM   17  N  N2    . DG A 1 1  ? -1.35754  24.26317  -8.14890  1.000 81.11356  ? 1   DG A N2    1 
ATOM   18  N  N3    . DG A 1 1  ? -2.54014  23.29403  -9.87714  1.000 77.24563  ? 1   DG A N3    1 
ATOM   19  C  C4    . DG A 1 1  ? -3.73922  22.73834  -10.17357 1.000 77.50986  ? 1   DG A C4    1 
ATOM   20  P  P     . DG A 1 2  ? -1.80426  17.64814  -12.81996 1.000 80.19816  ? 2   DG A P     1 
ATOM   21  O  OP1   . DG A 1 2  ? -0.88879  16.84357  -13.66599 1.000 80.36969  ? 2   DG A OP1   1 
ATOM   22  O  OP2   . DG A 1 2  ? -3.03192  17.02137  -12.29309 1.000 85.73630  ? 2   DG A OP2   1 
ATOM   23  O  "O5'" . DG A 1 2  ? -0.94183  18.29888  -11.62866 1.000 72.80995  ? 2   DG A "O5'" 1 
ATOM   24  C  "C5'" . DG A 1 2  ? 0.46317   18.49471  -11.77002 1.000 77.36565  ? 2   DG A "C5'" 1 
ATOM   25  C  "C4'" . DG A 1 2  ? 1.01210   19.33649  -10.62293 1.000 82.28035  ? 2   DG A "C4'" 1 
ATOM   26  O  "O4'" . DG A 1 2  ? 0.10412   20.43043  -10.34379 1.000 85.55328  ? 2   DG A "O4'" 1 
ATOM   27  C  "C3'" . DG A 1 2  ? 1.19509   18.62358  -9.28155  1.000 82.14104  ? 2   DG A "C3'" 1 
ATOM   28  O  "O3'" . DG A 1 2  ? 2.45884   17.98884  -9.21805  1.000 83.36022  ? 2   DG A "O3'" 1 
ATOM   29  C  "C2'" . DG A 1 2  ? 1.10614   19.77612  -8.29724  1.000 84.06094  ? 2   DG A "C2'" 1 
ATOM   30  C  "C1'" . DG A 1 2  ? 0.03523   20.64554  -8.94373  1.000 83.46587  ? 2   DG A "C1'" 1 
ATOM   31  N  N9    . DG A 1 2  ? -1.32551  20.36911  -8.48864  1.000 82.31388  ? 2   DG A N9    1 
ATOM   32  C  C8    . DG A 1 2  ? -2.33095  19.74759  -9.19192  1.000 82.59582  ? 2   DG A C8    1 
ATOM   33  N  N7    . DG A 1 2  ? -3.44858  19.64624  -8.52264  1.000 81.69232  ? 2   DG A N7    1 
ATOM   34  C  C5    . DG A 1 2  ? -3.15857  20.22493  -7.29327  1.000 82.88758  ? 2   DG A C5    1 
ATOM   35  C  C6    . DG A 1 2  ? -3.97671  20.40263  -6.14923  1.000 85.78624  ? 2   DG A C6    1 
ATOM   36  O  O6    . DG A 1 2  ? -5.16671  20.07167  -5.98947  1.000 88.41240  ? 2   DG A O6    1 
ATOM   37  N  N1    . DG A 1 2  ? -3.28246  21.04053  -5.12035  1.000 84.41537  ? 2   DG A N1    1 
ATOM   38  C  C2    . DG A 1 2  ? -1.96614  21.44846  -5.19175  1.000 84.47798  ? 2   DG A C2    1 
ATOM   39  N  N2    . DG A 1 2  ? -1.46155  22.04377  -4.10293  1.000 86.15295  ? 2   DG A N2    1 
ATOM   40  N  N3    . DG A 1 2  ? -1.19708  21.28550  -6.25329  1.000 84.93843  ? 2   DG A N3    1 
ATOM   41  C  C4    . DG A 1 2  ? -1.85408  20.67162  -7.26078  1.000 82.98083  ? 2   DG A C4    1 
ATOM   42  P  P     . DT A 1 3  ? 2.63793   16.61838  -8.39839  1.000 86.25279  ? 3   DT A P     1 
ATOM   43  O  OP1   . DT A 1 3  ? 4.00836   16.11392  -8.66806  1.000 76.83075  ? 3   DT A OP1   1 
ATOM   44  O  OP2   . DT A 1 3  ? 1.44224   15.78376  -8.67515  1.000 75.67346  ? 3   DT A OP2   1 
ATOM   45  O  "O5'" . DT A 1 3  ? 2.54340   17.06852  -6.86449  1.000 84.71575  ? 3   DT A "O5'" 1 
ATOM   46  C  "C5'" . DT A 1 3  ? 3.49034   17.99506  -6.34287  1.000 83.89850  ? 3   DT A "C5'" 1 
ATOM   47  C  "C4'" . DT A 1 3  ? 3.05205   18.51219  -4.98460  1.000 84.10078  ? 3   DT A "C4'" 1 
ATOM   48  O  "O4'" . DT A 1 3  ? 1.78934   19.20098  -5.11561  1.000 89.36637  ? 3   DT A "O4'" 1 
ATOM   49  C  "C3'" . DT A 1 3  ? 2.76388   17.44542  -3.94983  1.000 85.95254  ? 3   DT A "C3'" 1 
ATOM   50  O  "O3'" . DT A 1 3  ? 3.93876   17.04488  -3.32529  1.000 85.31239  ? 3   DT A "O3'" 1 
ATOM   51  C  "C2'" . DT A 1 3  ? 1.85777   18.18068  -2.98115  1.000 89.01139  ? 3   DT A "C2'" 1 
ATOM   52  C  "C1'" . DT A 1 3  ? 1.01689   19.01043  -3.93470  1.000 87.56198  ? 3   DT A "C1'" 1 
ATOM   53  N  N1    . DT A 1 3  ? -0.24251  18.33698  -4.29602  1.000 83.79762  ? 3   DT A N1    1 
ATOM   54  C  C2    . DT A 1 3  ? -1.28790  18.36698  -3.40917  1.000 86.39023  ? 3   DT A C2    1 
ATOM   55  O  O2    . DT A 1 3  ? -1.23150  18.93790  -2.33461  1.000 88.23716  ? 3   DT A O2    1 
ATOM   56  N  N3    . DT A 1 3  ? -2.41527  17.71365  -3.82851  1.000 86.78437  ? 3   DT A N3    1 
ATOM   57  C  C4    . DT A 1 3  ? -2.59160  17.03630  -5.01987  1.000 88.15077  ? 3   DT A C4    1 
ATOM   58  O  O4    . DT A 1 3  ? -3.65094  16.47607  -5.30662  1.000 87.29067  ? 3   DT A O4    1 
ATOM   59  C  C5    . DT A 1 3  ? -1.44048  17.03420  -5.90209  1.000 87.43727  ? 3   DT A C5    1 
ATOM   60  C  C7    . DT A 1 3  ? -1.49828  16.33183  -7.22557  1.000 90.71076  ? 3   DT A C7    1 
ATOM   61  C  C6    . DT A 1 3  ? -0.33597  17.67363  -5.49728  1.000 83.36635  ? 3   DT A C6    1 
ATOM   62  P  P     . DG A 1 4  ? 4.11990   15.52129  -2.86334  1.000 90.93261  ? 4   DG A P     1 
ATOM   63  O  OP1   . DG A 1 4  ? 5.55364   15.35657  -2.52439  1.000 78.71238  ? 4   DG A OP1   1 
ATOM   64  O  OP2   . DG A 1 4  ? 3.45762   14.66562  -3.87715  1.000 91.30435  ? 4   DG A OP2   1 
ATOM   65  O  "O5'" . DG A 1 4  ? 3.21400   15.40427  -1.54379  1.000 90.91829  ? 4   DG A "O5'" 1 
ATOM   66  C  "C5'" . DG A 1 4  ? 3.58124   16.11671  -0.37628  1.000 88.56598  ? 4   DG A "C5'" 1 
ATOM   67  C  "C4'" . DG A 1 4  ? 2.42116   16.18580  0.59086   1.000 84.50762  ? 4   DG A "C4'" 1 
ATOM   68  O  "O4'" . DG A 1 4  ? 1.27095   16.69512  -0.10520  1.000 85.27580  ? 4   DG A "O4'" 1 
ATOM   69  C  "C3'" . DG A 1 4  ? 1.93791   14.84927  1.13806   1.000 86.72114  ? 4   DG A "C3'" 1 
ATOM   70  O  "O3'" . DG A 1 4  ? 2.73154   14.46605  2.26258   1.000 88.89200  ? 4   DG A "O3'" 1 
ATOM   71  C  "C2'" . DG A 1 4  ? 0.52644   15.17747  1.57208   1.000 90.36772  ? 4   DG A "C2'" 1 
ATOM   72  C  "C1'" . DG A 1 4  ? 0.10765   16.22667  0.54898   1.000 89.20524  ? 4   DG A "C1'" 1 
ATOM   73  N  N9    . DG A 1 4  ? -0.86436  15.74741  -0.41316  1.000 85.93602  ? 4   DG A N9    1 
ATOM   74  C  C8    . DG A 1 4  ? -0.64070  15.26686  -1.67923  1.000 85.39939  ? 4   DG A C8    1 
ATOM   75  N  N7    . DG A 1 4  ? -1.74050  14.90463  -2.28877  1.000 84.00536  ? 4   DG A N7    1 
ATOM   76  C  C5    . DG A 1 4  ? -2.74330  15.14631  -1.35184  1.000 82.29240  ? 4   DG A C5    1 
ATOM   77  C  C6    . DG A 1 4  ? -4.14461  14.94831  -1.42860  1.000 84.09375  ? 4   DG A C6    1 
ATOM   78  O  O6    . DG A 1 4  ? -4.80864  14.50472  -2.37421  1.000 86.49565  ? 4   DG A O6    1 
ATOM   79  N  N1    . DG A 1 4  ? -4.78336  15.32618  -0.24739  1.000 84.66731  ? 4   DG A N1    1 
ATOM   80  C  C2    . DG A 1 4  ? -4.14690  15.83178  0.86398   1.000 83.90126  ? 4   DG A C2    1 
ATOM   81  N  N2    . DG A 1 4  ? -4.92441  16.14458  1.90918   1.000 83.43060  ? 4   DG A N2    1 
ATOM   82  N  N3    . DG A 1 4  ? -2.84333  16.02033  0.94443   1.000 81.41646  ? 4   DG A N3    1 
ATOM   83  C  C4    . DG A 1 4  ? -2.21014  15.65745  -0.19608  1.000 83.95628  ? 4   DG A C4    1 
ATOM   84  P  P     . DG A 1 5  ? 2.77880   12.93154  2.73828   1.000 95.87799  ? 5   DG A P     1 
ATOM   85  O  OP1   . DG A 1 5  ? 3.80710   12.89439  3.79848   1.000 98.25189  ? 5   DG A OP1   1 
ATOM   86  O  OP2   . DG A 1 5  ? 2.85090   12.04865  1.55321   1.000 101.80651 ? 5   DG A OP2   1 
ATOM   87  O  "O5'" . DG A 1 5  ? 1.37100   12.66246  3.44315   1.000 86.43342  ? 5   DG A "O5'" 1 
ATOM   88  C  "C5'" . DG A 1 5  ? 1.14959   13.09293  4.76394   1.000 82.37033  ? 5   DG A "C5'" 1 
ATOM   89  C  "C4'" . DG A 1 5  ? -0.31373  12.94403  5.14016   1.000 81.99478  ? 5   DG A "C4'" 1 
ATOM   90  O  "O4'" . DG A 1 5  ? -1.14406  13.73884  4.25469   1.000 83.91857  ? 5   DG A "O4'" 1 
ATOM   91  C  "C3'" . DG A 1 5  ? -0.90098  11.54314  5.03447   1.000 80.42078  ? 5   DG A "C3'" 1 
ATOM   92  O  "O3'" . DG A 1 5  ? -0.52840  10.73621  6.16360   1.000 79.31451  ? 5   DG A "O3'" 1 
ATOM   93  C  "C2'" . DG A 1 5  ? -2.38652  11.87093  5.04531   1.000 83.95011  ? 5   DG A "C2'" 1 
ATOM   94  C  "C1'" . DG A 1 5  ? -2.43437  13.14953  4.19634   1.000 83.17767  ? 5   DG A "C1'" 1 
ATOM   95  N  N9    . DG A 1 5  ? -2.79555  12.90813  2.80920   1.000 80.89655  ? 5   DG A N9    1 
ATOM   96  C  C8    . DG A 1 5  ? -1.95948  12.89131  1.72261   1.000 84.37692  ? 5   DG A C8    1 
ATOM   97  N  N7    . DG A 1 5  ? -2.56845  12.60565  0.60836   1.000 86.95419  ? 5   DG A N7    1 
ATOM   98  C  C5    . DG A 1 5  ? -3.88412  12.38372  0.99110   1.000 82.85511  ? 5   DG A C5    1 
ATOM   99  C  C6    . DG A 1 5  ? -5.00821  12.02819  0.21817   1.000 84.90503  ? 5   DG A C6    1 
ATOM   100 O  O6    . DG A 1 5  ? -5.06864  11.83171  -1.00176  1.000 89.55388  ? 5   DG A O6    1 
ATOM   101 N  N1    . DG A 1 5  ? -6.14884  11.89800  1.00115   1.000 83.73480  ? 5   DG A N1    1 
ATOM   102 C  C2    . DG A 1 5  ? -6.19486  12.09257  2.35612   1.000 80.57347  ? 5   DG A C2    1 
ATOM   103 N  N2    . DG A 1 5  ? -7.38810  11.92803  2.93840   1.000 82.91723  ? 5   DG A N2    1 
ATOM   104 N  N3    . DG A 1 5  ? -5.14982  12.42697  3.08999   1.000 77.07347  ? 5   DG A N3    1 
ATOM   105 C  C4    . DG A 1 5  ? -4.03335  12.55459  2.34302   1.000 78.03056  ? 5   DG A C4    1 
ATOM   106 P  P     . DG A 1 6  ? -0.56304  9.12713   6.06814   1.000 80.36369  ? 6   DG A P     1 
ATOM   107 O  OP1   . DG A 1 6  ? -0.10941  8.57835   7.36505   1.000 85.95906  ? 6   DG A OP1   1 
ATOM   108 O  OP2   . DG A 1 6  ? 0.13523   8.74329   4.82468   1.000 83.43293  ? 6   DG A OP2   1 
ATOM   109 O  "O5'" . DG A 1 6  ? -2.11380  8.76312   5.91787   1.000 73.67937  ? 6   DG A "O5'" 1 
ATOM   110 C  "C5'" . DG A 1 6  ? -2.99578  8.98039   7.00195   1.000 77.76039  ? 6   DG A "C5'" 1 
ATOM   111 C  "C4'" . DG A 1 6  ? -4.43659  8.73460   6.59155   1.000 77.64230  ? 6   DG A "C4'" 1 
ATOM   112 O  "O4'" . DG A 1 6  ? -4.80977  9.64646   5.53842   1.000 78.57299  ? 6   DG A "O4'" 1 
ATOM   113 C  "C3'" . DG A 1 6  ? -4.72362  7.36660   6.02623   1.000 74.22648  ? 6   DG A "C3'" 1 
ATOM   114 O  "O3'" . DG A 1 6  ? -4.91360  6.45187   7.08944   1.000 75.73387  ? 6   DG A "O3'" 1 
ATOM   115 C  "C2'" . DG A 1 6  ? -6.00689  7.62281   5.24476   1.000 73.96162  ? 6   DG A "C2'" 1 
ATOM   116 C  "C1'" . DG A 1 6  ? -5.75153  9.02832   4.67912   1.000 78.90013  ? 6   DG A "C1'" 1 
ATOM   117 N  N9    . DG A 1 6  ? -5.19820  9.04676   3.32457   1.000 80.18768  ? 6   DG A N9    1 
ATOM   118 C  C8    . DG A 1 6  ? -3.91925  9.38581   2.97045   1.000 82.17788  ? 6   DG A C8    1 
ATOM   119 N  N7    . DG A 1 6  ? -3.70103  9.32850   1.68942   1.000 86.35452  ? 6   DG A N7    1 
ATOM   120 C  C5    . DG A 1 6  ? -4.91733  8.94463   1.15442   1.000 84.75831  ? 6   DG A C5    1 
ATOM   121 C  C6    . DG A 1 6  ? -5.28583  8.72377   -0.18959  1.000 91.58198  ? 6   DG A C6    1 
ATOM   122 O  O6    . DG A 1 6  ? -4.58375  8.82558   -1.20873  1.000 100.62765 ? 6   DG A O6    1 
ATOM   123 N  N1    . DG A 1 6  ? -6.61466  8.34958   -0.29582  1.000 87.75616  ? 6   DG A N1    1 
ATOM   124 C  C2    . DG A 1 6  ? -7.47336  8.20584   0.76224   1.000 87.10146  ? 6   DG A C2    1 
ATOM   125 N  N2    . DG A 1 6  ? -8.71925  7.83305   0.46335   1.000 94.55773  ? 6   DG A N2    1 
ATOM   126 N  N3    . DG A 1 6  ? -7.14042  8.40960   2.02399   1.000 81.69754  ? 6   DG A N3    1 
ATOM   127 C  C4    . DG A 1 6  ? -5.85367  8.77631   2.14596   1.000 80.60330  ? 6   DG A C4    1 
ATOM   128 P  P     . DG A 1 7  ? -4.90034  4.87992   6.78953   1.000 83.68548  ? 7   DG A P     1 
ATOM   129 O  OP1   . DG A 1 7  ? -4.80404  4.13345   8.06902   1.000 79.70532  ? 7   DG A OP1   1 
ATOM   130 O  OP2   . DG A 1 7  ? -3.87040  4.65508   5.75913   1.000 85.84076  ? 7   DG A OP2   1 
ATOM   131 O  "O5'" . DG A 1 7  ? -6.34397  4.64455   6.15134   1.000 82.95639  ? 7   DG A "O5'" 1 
ATOM   132 C  "C5'" . DG A 1 7  ? -6.61016  3.49207   5.39908   1.000 87.71710  ? 7   DG A "C5'" 1 
ATOM   133 C  "C4'" . DG A 1 7  ? -7.82718  3.71805   4.52524   1.000 90.46363  ? 7   DG A "C4'" 1 
ATOM   134 O  "O4'" . DG A 1 7  ? -7.67114  4.93969   3.75739   1.000 90.85368  ? 7   DG A "O4'" 1 
ATOM   135 C  "C3'" . DG A 1 7  ? -8.06895  2.63790   3.49209   1.000 92.50163  ? 7   DG A "C3'" 1 
ATOM   136 O  "O3'" . DG A 1 7  ? -8.79057  1.58503   4.07165   1.000 89.82100  ? 7   DG A "O3'" 1 
ATOM   137 C  "C2'" . DG A 1 7  ? -8.89219  3.37576   2.43996   1.000 92.41552  ? 7   DG A "C2'" 1 
ATOM   138 C  "C1'" . DG A 1 7  ? -8.25672  4.76990   2.46841   1.000 94.44183  ? 7   DG A "C1'" 1 
ATOM   139 N  N9    . DG A 1 7  ? -7.25624  5.02123   1.42161   1.000 96.22296  ? 7   DG A N9    1 
ATOM   140 C  C8    . DG A 1 7  ? -5.94043  5.38657   1.59776   1.000 94.54939  ? 7   DG A C8    1 
ATOM   141 N  N7    . DG A 1 7  ? -5.29055  5.55627   0.47795   1.000 95.82988  ? 7   DG A N7    1 
ATOM   142 C  C5    . DG A 1 7  ? -6.23504  5.29500   -0.50486  1.000 98.88002  ? 7   DG A C5    1 
ATOM   143 C  C6    . DG A 1 7  ? -6.11128  5.32324   -1.91082  1.000 103.83518 ? 7   DG A C6    1 
ATOM   144 O  O6    . DG A 1 7  ? -5.10490  5.58941   -2.58808  1.000 107.12627 ? 7   DG A O6    1 
ATOM   145 N  N1    . DG A 1 7  ? -7.31373  4.99794   -2.53813  1.000 103.01141 ? 7   DG A N1    1 
ATOM   146 C  C2    . DG A 1 7  ? -8.48347  4.68342   -1.88610  1.000 98.34308  ? 7   DG A C2    1 
ATOM   147 N  N2    . DG A 1 7  ? -9.53677  4.39620   -2.66203  1.000 100.35813 ? 7   DG A N2    1 
ATOM   148 N  N3    . DG A 1 7  ? -8.61281  4.65380   -0.56853  1.000 93.48113  ? 7   DG A N3    1 
ATOM   149 C  C4    . DG A 1 7  ? -7.45295  4.96979   0.05713   1.000 96.00552  ? 7   DG A C4    1 
ATOM   150 P  P     . DC A 1 8  ? -8.20124  0.09769   3.98900   1.000 91.70413  ? 8   DC A P     1 
ATOM   151 O  OP1   . DC A 1 8  ? -8.78493  -0.67464  5.10864   1.000 102.81140 ? 8   DC A OP1   1 
ATOM   152 O  OP2   . DC A 1 8  ? -6.73298  0.20804   3.86440   1.000 88.40229  ? 8   DC A OP2   1 
ATOM   153 O  "O5'" . DC A 1 8  ? -8.77426  -0.44994  2.60410   1.000 92.40233  ? 8   DC A "O5'" 1 
ATOM   154 C  "C5'" . DC A 1 8  ? -10.16787 -0.59178  2.44624   1.000 95.23999  ? 8   DC A "C5'" 1 
ATOM   155 C  "C4'" . DC A 1 8  ? -10.57757 -0.42758  0.99811   1.000 95.74957  ? 8   DC A "C4'" 1 
ATOM   156 O  "O4'" . DC A 1 8  ? -10.03655 0.80008   0.46555   1.000 95.99867  ? 8   DC A "O4'" 1 
ATOM   157 C  "C3'" . DC A 1 8  ? -10.05718 -1.48666  0.05864   1.000 101.78780 ? 8   DC A "C3'" 1 
ATOM   158 O  "O3'" . DC A 1 8  ? -10.85345 -2.67079  0.16129   1.000 105.88642 ? 8   DC A "O3'" 1 
ATOM   159 C  "C2'" . DC A 1 8  ? -10.23442 -0.79087  -1.28907  1.000 102.34922 ? 8   DC A "C2'" 1 
ATOM   160 C  "C1'" . DC A 1 8  ? -9.93428  0.67733   -0.94278  1.000 99.88774  ? 8   DC A "C1'" 1 
ATOM   161 N  N1    . DC A 1 8  ? -8.57367  1.12673   -1.36928  1.000 102.13242 ? 8   DC A N1    1 
ATOM   162 C  C2    . DC A 1 8  ? -8.29912  1.30421   -2.72918  1.000 110.11416 ? 8   DC A C2    1 
ATOM   163 O  O2    . DC A 1 8  ? -9.19301  1.08951   -3.55656  1.000 112.88971 ? 8   DC A O2    1 
ATOM   164 N  N3    . DC A 1 8  ? -7.05680  1.70805   -3.10445  1.000 111.16223 ? 8   DC A N3    1 
ATOM   165 C  C4    . DC A 1 8  ? -6.11947  1.93219   -2.18296  1.000 108.55536 ? 8   DC A C4    1 
ATOM   166 N  N4    . DC A 1 8  ? -4.90992  2.33153   -2.60120  1.000 111.10119 ? 8   DC A N4    1 
ATOM   167 C  C5    . DC A 1 8  ? -6.38096  1.75619   -0.79171  1.000 103.95517 ? 8   DC A C5    1 
ATOM   168 C  C6    . DC A 1 8  ? -7.60922  1.35653   -0.43410  1.000 100.89370 ? 8   DC A C6    1 
ATOM   169 P  P     . DG A 1 9  ? -10.18169 -4.12412  -0.01874  1.000 117.94641 ? 9   DG A P     1 
ATOM   170 O  OP1   . DG A 1 9  ? -11.20152 -5.14338  0.31766   1.000 115.18656 ? 9   DG A OP1   1 
ATOM   171 O  OP2   . DG A 1 9  ? -8.90373  -4.12861  0.72889   1.000 108.22695 ? 9   DG A OP2   1 
ATOM   172 O  "O5'" . DG A 1 9  ? -9.87028  -4.20476  -1.59537  1.000 121.33321 ? 9   DG A "O5'" 1 
ATOM   173 C  "C5'" . DG A 1 9  ? -10.93071 -3.99724  -2.54399  1.000 117.92378 ? 9   DG A "C5'" 1 
ATOM   174 C  "C4'" . DG A 1 9  ? -10.41673 -3.97413  -3.97867  1.000 113.90249 ? 9   DG A "C4'" 1 
ATOM   175 O  "O4'" . DG A 1 9  ? -9.93768  -2.64558  -4.33075  1.000 111.62268 ? 9   DG A "O4'" 1 
ATOM   176 C  "C3'" . DG A 1 9  ? -9.23398  -4.86783  -4.26402  1.000 117.75383 ? 9   DG A "C3'" 1 
ATOM   177 O  "O3'" . DG A 1 9  ? -9.64628  -6.21429  -4.42521  1.000 118.35872 ? 9   DG A "O3'" 1 
ATOM   178 C  "C2'" . DG A 1 9  ? -8.74009  -4.24741  -5.56186  1.000 115.96976 ? 9   DG A "C2'" 1 
ATOM   179 C  "C1'" . DG A 1 9  ? -8.80889  -2.77009  -5.19224  1.000 114.26961 ? 9   DG A "C1'" 1 
ATOM   180 N  N9    . DG A 1 9  ? -7.61970  -2.30202  -4.46869  1.000 118.80760 ? 9   DG A N9    1 
ATOM   181 C  C8    . DG A 1 9  ? -7.46837  -2.21941  -3.10434  1.000 116.90011 ? 9   DG A C8    1 
ATOM   182 N  N7    . DG A 1 9  ? -6.29830  -1.77686  -2.73070  1.000 118.43070 ? 9   DG A N7    1 
ATOM   183 C  C5    . DG A 1 9  ? -5.62026  -1.54802  -3.92052  1.000 121.55977 ? 9   DG A C5    1 
ATOM   184 C  C6    . DG A 1 9  ? -4.30484  -1.06114  -4.14082  1.000 122.26410 ? 9   DG A C6    1 
ATOM   185 O  O6    . DG A 1 9  ? -3.45805  -0.72999  -3.29780  1.000 122.69855 ? 9   DG A O6    1 
ATOM   186 N  N1    . DG A 1 9  ? -4.00455  -0.97844  -5.49866  1.000 120.81049 ? 9   DG A N1    1 
ATOM   187 C  C2    . DG A 1 9  ? -4.86338  -1.32257  -6.51640  1.000 125.64186 ? 9   DG A C2    1 
ATOM   188 N  N2    . DG A 1 9  ? -4.39027  -1.17633  -7.76454  1.000 122.61381 ? 9   DG A N2    1 
ATOM   189 N  N3    . DG A 1 9  ? -6.10333  -1.78022  -6.32618  1.000 128.09459 ? 9   DG A N3    1 
ATOM   190 C  C4    . DG A 1 9  ? -6.41439  -1.86747  -5.00558  1.000 123.52650 ? 9   DG A C4    1 
ATOM   191 P  P     . DC A 1 10 ? -8.75984  -7.39855  -3.79143  1.000 124.13595 ? 10  DC A P     1 
ATOM   192 O  OP1   . DC A 1 10 ? -9.63272  -8.57812  -3.62132  1.000 114.83337 ? 10  DC A OP1   1 
ATOM   193 O  OP2   . DC A 1 10 ? -8.03823  -6.87193  -2.60862  1.000 121.31690 ? 10  DC A OP2   1 
ATOM   194 O  "O5'" . DC A 1 10 ? -7.66914  -7.68599  -4.92633  1.000 127.97077 ? 10  DC A "O5'" 1 
ATOM   195 C  "C5'" . DC A 1 10 ? -8.03768  -7.60631  -6.30542  1.000 126.65463 ? 10  DC A "C5'" 1 
ATOM   196 C  "C4'" . DC A 1 10 ? -6.85885  -7.17101  -7.15862  1.000 127.76616 ? 10  DC A "C4'" 1 
ATOM   197 O  "O4'" . DC A 1 10 ? -6.52245  -5.78890  -6.86485  1.000 127.41020 ? 10  DC A "O4'" 1 
ATOM   198 C  "C3'" . DC A 1 10 ? -5.57074  -7.92351  -6.89877  1.000 132.87059 ? 10  DC A "C3'" 1 
ATOM   199 O  "O3'" . DC A 1 10 ? -5.55459  -9.15943  -7.59825  1.000 135.46688 ? 10  DC A "O3'" 1 
ATOM   200 C  "C2'" . DC A 1 10 ? -4.54061  -6.94009  -7.44016  1.000 129.81381 ? 10  DC A "C2'" 1 
ATOM   201 C  "C1'" . DC A 1 10 ? -5.11263  -5.61242  -6.94344  1.000 125.47490 ? 10  DC A "C1'" 1 
ATOM   202 N  N1    . DC A 1 10 ? -4.57514  -5.17326  -5.58353  1.000 124.68659 ? 10  DC A N1    1 
ATOM   203 C  C2    . DC A 1 10 ? -3.52612  -4.24394  -5.52389  1.000 123.21012 ? 10  DC A C2    1 
ATOM   204 O  O2    . DC A 1 10 ? -3.06060  -3.79767  -6.57909  1.000 116.08079 ? 10  DC A O2    1 
ATOM   205 N  N3    . DC A 1 10 ? -3.04963  -3.85903  -4.30408  1.000 126.02105 ? 10  DC A N3    1 
ATOM   206 C  C4    . DC A 1 10 ? -3.58152  -4.36487  -3.18199  1.000 126.67483 ? 10  DC A C4    1 
ATOM   207 N  N4    . DC A 1 10 ? -3.08095  -3.95529  -2.00371  1.000 118.28210 ? 10  DC A N4    1 
ATOM   208 C  C5    . DC A 1 10 ? -4.64970  -5.31400  -3.22181  1.000 124.64140 ? 10  DC A C5    1 
ATOM   209 C  C6    . DC A 1 10 ? -5.11108  -5.68445  -4.42795  1.000 124.53736 ? 10  DC A C6    1 
ATOM   210 P  P     . DG A 1 11 ? -4.66867  -10.38007 -7.03649  1.000 140.88841 ? 11  DG A P     1 
ATOM   211 O  OP1   . DG A 1 11 ? -5.22405  -11.61861 -7.62600  1.000 135.57203 ? 11  DG A OP1   1 
ATOM   212 O  OP2   . DG A 1 11 ? -4.55866  -10.25365 -5.56319  1.000 131.75176 ? 11  DG A OP2   1 
ATOM   213 O  "O5'" . DG A 1 11 ? -3.21939  -10.10165 -7.65364  1.000 131.33042 ? 11  DG A "O5'" 1 
ATOM   214 C  "C5'" . DG A 1 11 ? -3.08893  -9.90779  -9.05451  1.000 131.52059 ? 11  DG A "C5'" 1 
ATOM   215 C  "C4'" . DG A 1 11 ? -1.74849  -9.28943  -9.40737  1.000 127.66315 ? 11  DG A "C4'" 1 
ATOM   216 O  "O4'" . DG A 1 11 ? -1.78899  -7.85584  -9.20082  1.000 123.37198 ? 11  DG A "O4'" 1 
ATOM   217 C  "C3'" . DG A 1 11 ? -0.57562  -9.74588  -8.56724  1.000 123.89404 ? 11  DG A "C3'" 1 
ATOM   218 O  "O3'" . DG A 1 11 ? -0.09730  -10.99765 -9.01841  1.000 123.14474 ? 11  DG A "O3'" 1 
ATOM   219 C  "C2'" . DG A 1 11 ? 0.41530   -8.62939  -8.84887  1.000 121.80911 ? 11  DG A "C2'" 1 
ATOM   220 C  "C1'" . DG A 1 11 ? -0.50205  -7.41154  -8.79489  1.000 122.83417 ? 11  DG A "C1'" 1 
ATOM   221 N  N9    . DG A 1 11 ? -0.60905  -6.83591  -7.45983  1.000 125.31589 ? 11  DG A N9    1 
ATOM   222 C  C8    . DG A 1 11 ? -1.46110  -7.22211  -6.45237  1.000 125.68287 ? 11  DG A C8    1 
ATOM   223 N  N7    . DG A 1 11 ? -1.33032  -6.51996  -5.36057  1.000 125.13436 ? 11  DG A N7    1 
ATOM   224 C  C5    . DG A 1 11 ? -0.32096  -5.61500  -5.66047  1.000 123.53234 ? 11  DG A C5    1 
ATOM   225 C  C6    . DG A 1 11 ? 0.25961   -4.60007  -4.86367  1.000 119.92463 ? 11  DG A C6    1 
ATOM   226 O  O6    . DG A 1 11 ? -0.01528  -4.28740  -3.69320  1.000 116.80460 ? 11  DG A O6    1 
ATOM   227 N  N1    . DG A 1 11 ? 1.25602   -3.91336  -5.55794  1.000 120.11091 ? 11  DG A N1    1 
ATOM   228 C  C2    . DG A 1 11 ? 1.64112   -4.18011  -6.85589  1.000 119.80779 ? 11  DG A C2    1 
ATOM   229 N  N2    . DG A 1 11 ? 2.61822   -3.41497  -7.35708  1.000 118.15765 ? 11  DG A N2    1 
ATOM   230 N  N3    . DG A 1 11 ? 1.10529   -5.12728  -7.60914  1.000 120.04570 ? 11  DG A N3    1 
ATOM   231 C  C4    . DG A 1 11 ? 0.13519   -5.80181  -6.95001  1.000 124.06748 ? 11  DG A C4    1 
ATOM   232 P  P     . DC A 1 12 ? 0.64235   -11.98232 -7.98895  1.000 115.15803 ? 12  DC A P     1 
ATOM   233 O  OP1   . DC A 1 12 ? 1.27464   -13.06130 -8.77579  1.000 117.98702 ? 12  DC A OP1   1 
ATOM   234 O  OP2   . DC A 1 12 ? -0.29929  -12.31130 -6.89447  1.000 114.43769 ? 12  DC A OP2   1 
ATOM   235 O  "O5'" . DC A 1 12 ? 1.79841   -11.07550 -7.38071  1.000 118.04887 ? 12  DC A "O5'" 1 
ATOM   236 C  "C5'" . DC A 1 12 ? 3.13514   -11.49900 -7.47148  1.000 120.19550 ? 12  DC A "C5'" 1 
ATOM   237 C  "C4'" . DC A 1 12 ? 4.05152   -10.33774 -7.79877  1.000 120.80746 ? 12  DC A "C4'" 1 
ATOM   238 O  "O4'" . DC A 1 12 ? 3.26895   -9.11483  -7.93320  1.000 119.79666 ? 12  DC A "O4'" 1 
ATOM   239 C  "C3'" . DC A 1 12 ? 5.09291   -10.04270 -6.72968  1.000 119.96754 ? 12  DC A "C3'" 1 
ATOM   240 O  "O3'" . DC A 1 12 ? 6.29610   -10.75981 -7.02370  1.000 119.81755 ? 12  DC A "O3'" 1 
ATOM   241 C  "C2'" . DC A 1 12 ? 5.27288   -8.53283  -6.86453  1.000 120.94041 ? 12  DC A "C2'" 1 
ATOM   242 C  "C1'" . DC A 1 12 ? 3.83590   -8.08850  -7.13726  1.000 121.63051 ? 12  DC A "C1'" 1 
ATOM   243 N  N1    . DC A 1 12 ? 2.97496   -7.87931  -5.88514  1.000 121.96629 ? 12  DC A N1    1 
ATOM   244 C  C2    . DC A 1 12 ? 3.33188   -6.90619  -4.93018  1.000 117.20711 ? 12  DC A C2    1 
ATOM   245 O  O2    . DC A 1 12 ? 4.34462   -6.21615  -5.11017  1.000 115.81947 ? 12  DC A O2    1 
ATOM   246 N  N3    . DC A 1 12 ? 2.54457   -6.74069  -3.83271  1.000 112.97789 ? 12  DC A N3    1 
ATOM   247 C  C4    . DC A 1 12 ? 1.45751   -7.49311  -3.66611  1.000 112.91624 ? 12  DC A C4    1 
ATOM   248 N  N4    . DC A 1 12 ? 0.71645   -7.29123  -2.56871  1.000 110.04575 ? 12  DC A N4    1 
ATOM   249 C  C5    . DC A 1 12 ? 1.08066   -8.48464  -4.61778  1.000 118.33872 ? 12  DC A C5    1 
ATOM   250 C  C6    . DC A 1 12 ? 1.85556   -8.63893  -5.69860  1.000 119.56670 ? 12  DC A C6    1 
ATOM   251 P  P     . DC A 1 13 ? 6.87704   -11.82972 -5.97001  1.000 119.52274 ? 13  DC A P     1 
ATOM   252 O  OP1   . DC A 1 13 ? 7.95487   -12.58092 -6.65177  1.000 120.07854 ? 13  DC A OP1   1 
ATOM   253 O  OP2   . DC A 1 13 ? 5.73612   -12.57410 -5.39594  1.000 114.16579 ? 13  DC A OP2   1 
ATOM   254 O  "O5'" . DC A 1 13 ? 7.51833   -10.91525 -4.81661  1.000 117.06090 ? 13  DC A "O5'" 1 
ATOM   255 C  "C5'" . DC A 1 13 ? 8.52242   -9.96792  -5.16891  1.000 114.28533 ? 13  DC A "C5'" 1 
ATOM   256 C  "C4'" . DC A 1 13 ? 8.84464   -8.99545  -4.03920  1.000 113.22690 ? 13  DC A "C4'" 1 
ATOM   257 O  "O4'" . DC A 1 13 ? 7.75698   -8.05002  -3.86778  1.000 116.65023 ? 13  DC A "O4'" 1 
ATOM   258 C  "C3'" . DC A 1 13 ? 9.02607   -9.60999  -2.65947  1.000 109.98844 ? 13  DC A "C3'" 1 
ATOM   259 O  "O3'" . DC A 1 13 ? 10.34932  -10.12780 -2.52864  1.000 111.04703 ? 13  DC A "O3'" 1 
ATOM   260 C  "C2'" . DC A 1 13 ? 8.80173   -8.39683  -1.76400  1.000 105.31549 ? 13  DC A "C2'" 1 
ATOM   261 C  "C1'" . DC A 1 13 ? 7.66972   -7.66897  -2.50099  1.000 108.16484 ? 13  DC A "C1'" 1 
ATOM   262 N  N1    . DC A 1 13 ? 6.28666   -7.95749  -1.97085  1.000 105.06658 ? 13  DC A N1    1 
ATOM   263 C  C2    . DC A 1 13 ? 5.88515   -7.38196  -0.76291  1.000 105.39912 ? 13  DC A C2    1 
ATOM   264 O  O2    . DC A 1 13 ? 6.67309   -6.64175  -0.16475  1.000 107.57939 ? 13  DC A O2    1 
ATOM   265 N  N3    . DC A 1 13 ? 4.63710   -7.63885  -0.28657  1.000 102.95686 ? 13  DC A N3    1 
ATOM   266 C  C4    . DC A 1 13 ? 3.81585   -8.43739  -0.96481  1.000 103.54495 ? 13  DC A C4    1 
ATOM   267 N  N4    . DC A 1 13 ? 2.59934   -8.66553  -0.45356  1.000 103.64622 ? 13  DC A N4    1 
ATOM   268 C  C5    . DC A 1 13 ? 4.20649   -9.03748  -2.19908  1.000 108.72614 ? 13  DC A C5    1 
ATOM   269 C  C6    . DC A 1 13 ? 5.43968   -8.77396  -2.65983  1.000 110.42264 ? 13  DC A C6    1 
ATOM   270 P  P     . DC A 1 14 ? 10.66960  -11.29633 -1.47246  1.000 101.68935 ? 14  DC A P     1 
ATOM   271 O  OP1   . DC A 1 14 ? 12.02304  -11.78658 -1.80566  1.000 100.46138 ? 14  DC A OP1   1 
ATOM   272 O  OP2   . DC A 1 14 ? 9.52801   -12.23357 -1.39869  1.000 102.95879 ? 14  DC A OP2   1 
ATOM   273 O  "O5'" . DC A 1 14 ? 10.72003  -10.50311 -0.09356  1.000 98.39036  ? 14  DC A "O5'" 1 
ATOM   274 C  "C5'" . DC A 1 14 ? 11.68538  -9.49341  0.06256   1.000 94.25957  ? 14  DC A "C5'" 1 
ATOM   275 C  "C4'" . DC A 1 14 ? 11.52167  -8.76740  1.37751   1.000 93.17706  ? 14  DC A "C4'" 1 
ATOM   276 O  "O4'" . DC A 1 14 ? 10.31311  -7.97025  1.31961   1.000 92.56161  ? 14  DC A "O4'" 1 
ATOM   277 C  "C3'" . DC A 1 14 ? 11.32054  -9.63750  2.61114   1.000 92.76880  ? 14  DC A "C3'" 1 
ATOM   278 O  "O3'" . DC A 1 14 ? 12.57178  -10.08613 3.11814   1.000 93.21329  ? 14  DC A "O3'" 1 
ATOM   279 C  "C2'" . DC A 1 14 ? 10.63295  -8.67606  3.55509   1.000 88.40684  ? 14  DC A "C2'" 1 
ATOM   280 C  "C1'" . DC A 1 14 ? 9.69816   -7.94443  2.60254   1.000 90.45001  ? 14  DC A "C1'" 1 
ATOM   281 N  N1    . DC A 1 14 ? 8.34687   -8.55352  2.50899   1.000 91.41080  ? 14  DC A N1    1 
ATOM   282 C  C2    . DC A 1 14 ? 7.43484   -8.37605  3.55727   1.000 91.06490  ? 14  DC A C2    1 
ATOM   283 O  O2    . DC A 1 14 ? 7.77338   -7.71619  4.54841   1.000 87.98929  ? 14  DC A O2    1 
ATOM   284 N  N3    . DC A 1 14 ? 6.20108   -8.93060  3.45375   1.000 92.23942  ? 14  DC A N3    1 
ATOM   285 C  C4    . DC A 1 14 ? 5.87362   -9.63284  2.36579   1.000 93.52879  ? 14  DC A C4    1 
ATOM   286 N  N4    . DC A 1 14 ? 4.64551   -10.16045 2.30663   1.000 93.92369  ? 14  DC A N4    1 
ATOM   287 C  C5    . DC A 1 14 ? 6.79155   -9.82542  1.29077   1.000 96.95206  ? 14  DC A C5    1 
ATOM   288 C  C6    . DC A 1 14 ? 8.00356   -9.27369  1.40444   1.000 96.19274  ? 14  DC A C6    1 
ATOM   289 P  P     . DC A 1 15 ? 12.67387  -11.51173 3.84929   1.000 98.54909  ? 15  DC A P     1 
ATOM   290 O  OP1   . DC A 1 15 ? 14.10929  -11.84603 4.00839   1.000 109.09231 ? 15  DC A OP1   1 
ATOM   291 O  OP2   . DC A 1 15 ? 11.74569  -12.43126 3.15153   1.000 97.45027  ? 15  DC A OP2   1 
ATOM   292 O  "O5'" . DC A 1 15 ? 12.04117  -11.23045 5.28372   1.000 78.96953  ? 15  DC A "O5'" 1 
ATOM   293 C  "C5'" . DC A 1 15 ? 12.50728  -10.13475 6.02516   1.000 75.66868  ? 15  DC A "C5'" 1 
ATOM   294 C  "C4'" . DC A 1 15 ? 11.50983  -9.77144  7.08396   1.000 78.07855  ? 15  DC A "C4'" 1 
ATOM   295 O  "O4'" . DC A 1 15 ? 10.28034  -9.36901  6.45834   1.000 82.19795  ? 15  DC A "O4'" 1 
ATOM   296 C  "C3'" . DC A 1 15 ? 11.11679  -10.91876 7.96725   1.000 74.92598  ? 15  DC A "C3'" 1 
ATOM   297 O  "O3'" . DC A 1 15 ? 12.05933  -11.05730 8.99142   1.000 77.70432  ? 15  DC A "O3'" 1 
ATOM   298 C  "C2'" . DC A 1 15 ? 9.77031   -10.44623 8.50215   1.000 76.36132  ? 15  DC A "C2'" 1 
ATOM   299 C  "C1'" . DC A 1 15 ? 9.18551   -9.71941  7.28387   1.000 82.41726  ? 15  DC A "C1'" 1 
ATOM   300 N  N1    . DC A 1 15 ? 8.22525   -10.55190 6.49973   1.000 82.56656  ? 15  DC A N1    1 
ATOM   301 C  C2    . DC A 1 15 ? 6.97348   -10.84946 7.04932   1.000 81.81326  ? 15  DC A C2    1 
ATOM   302 O  O2    . DC A 1 15 ? 6.67114   -10.37535 8.14976   1.000 81.69118  ? 15  DC A O2    1 
ATOM   303 N  N3    . DC A 1 15 ? 6.10804   -11.61087 6.34227   1.000 82.29461  ? 15  DC A N3    1 
ATOM   304 C  C4    . DC A 1 15 ? 6.46247   -12.09579 5.15780   1.000 85.56781  ? 15  DC A C4    1 
ATOM   305 N  N4    . DC A 1 15 ? 5.57224   -12.85420 4.51136   1.000 90.17784  ? 15  DC A N4    1 
ATOM   306 C  C5    . DC A 1 15 ? 7.74512   -11.82591 4.58344   1.000 82.88556  ? 15  DC A C5    1 
ATOM   307 C  C6    . DC A 1 15 ? 8.59006   -11.06160 5.28698   1.000 83.31886  ? 15  DC A C6    1 
ATOM   308 P  P     . DA A 1 16 ? 12.43565  -12.52057 9.50543   1.000 79.65326  ? 16  DA A P     1 
ATOM   309 O  OP1   . DA A 1 16 ? 13.19984  -12.36536 10.76442  1.000 71.88091  ? 16  DA A OP1   1 
ATOM   310 O  OP2   . DA A 1 16 ? 13.08404  -13.20198 8.36429   1.000 82.64068  ? 16  DA A OP2   1 
ATOM   311 O  "O5'" . DA A 1 16 ? 11.00477  -13.16604 9.83210   1.000 70.52016  ? 16  DA A "O5'" 1 
ATOM   312 C  "C5'" . DA A 1 16 ? 10.77956  -13.76973 11.07968  1.000 71.42878  ? 16  DA A "C5'" 1 
ATOM   313 C  "C4'" . DA A 1 16 ? 9.41691   -13.40289 11.61826  1.000 74.74642  ? 16  DA A "C4'" 1 
ATOM   314 O  "O4'" . DA A 1 16 ? 8.64186   -12.80471 10.56690  1.000 76.69792  ? 16  DA A "O4'" 1 
ATOM   315 C  "C3'" . DA A 1 16 ? 8.57418   -14.57445 12.06006  1.000 77.40130  ? 16  DA A "C3'" 1 
ATOM   316 O  "O3'" . DA A 1 16 ? 8.89922   -14.89335 13.35322  1.000 82.52659  ? 16  DA A "O3'" 1 
ATOM   317 C  "C2'" . DA A 1 16 ? 7.15530   -14.04307 11.95458  1.000 74.72369  ? 16  DA A "C2'" 1 
ATOM   318 C  "C1'" . DA A 1 16 ? 7.26334   -13.08802 10.77250  1.000 79.17551  ? 16  DA A "C1'" 1 
ATOM   319 N  N9    . DA A 1 16 ? 6.72906   -13.63517 9.53733   1.000 79.93327  ? 16  DA A N9    1 
ATOM   320 C  C8    . DA A 1 16 ? 7.42695   -13.92042 8.39781   1.000 83.71475  ? 16  DA A C8    1 
ATOM   321 N  N7    . DA A 1 16 ? 6.68562   -14.39601 7.42660   1.000 83.06521  ? 16  DA A N7    1 
ATOM   322 C  C5    . DA A 1 16 ? 5.41528   -14.42453 7.96753   1.000 82.49086  ? 16  DA A C5    1 
ATOM   323 C  C6    . DA A 1 16 ? 4.17620   -14.82818 7.44222   1.000 86.63858  ? 16  DA A C6    1 
ATOM   324 N  N6    . DA A 1 16 ? 4.02196   -15.29913 6.19605   1.000 85.14222  ? 16  DA A N6    1 
ATOM   325 N  N1    . DA A 1 16 ? 3.09756   -14.72963 8.24992   1.000 87.32831  ? 16  DA A N1    1 
ATOM   326 C  C2    . DA A 1 16 ? 3.26127   -14.25470 9.49657   1.000 86.14332  ? 16  DA A C2    1 
ATOM   327 N  N3    . DA A 1 16 ? 4.37696   -13.84635 10.09949  1.000 81.78074  ? 16  DA A N3    1 
ATOM   328 C  C4    . DA A 1 16 ? 5.42547   -13.95821 9.27232   1.000 79.61651  ? 16  DA A C4    1 
ATOM   329 P  P     . DC A 1 17 ? 8.94183   -16.43352 13.76458  1.000 86.54605  ? 17  DC A P     1 
ATOM   330 O  OP1   . DC A 1 17 ? 9.64781   -16.54228 15.05911  1.000 94.51220  ? 17  DC A OP1   1 
ATOM   331 O  OP2   . DC A 1 17 ? 9.38812   -17.18045 12.56977  1.000 75.71300  ? 17  DC A OP2   1 
ATOM   332 O  "O5'" . DC A 1 17 ? 7.42323   -16.79568 13.98249  1.000 74.40905  ? 17  DC A "O5'" 1 
ATOM   333 C  "C5'" . DC A 1 17 ? 6.71945   -16.11172 14.98014  1.000 80.40419  ? 17  DC A "C5'" 1 
ATOM   334 C  "C4'" . DC A 1 17 ? 5.25849   -16.35252 14.80457  1.000 88.93029  ? 17  DC A "C4'" 1 
ATOM   335 O  "O4'" . DC A 1 17 ? 4.84181   -15.75875 13.56458  1.000 91.61371  ? 17  DC A "O4'" 1 
ATOM   336 C  "C3'" . DC A 1 17 ? 4.90718   -17.80751 14.67085  1.000 90.52527  ? 17  DC A "C3'" 1 
ATOM   337 O  "O3'" . DC A 1 17 ? 4.75981   -18.36135 15.94967  1.000 95.29132  ? 17  DC A "O3'" 1 
ATOM   338 C  "C2'" . DC A 1 17 ? 3.58576   -17.73852 13.91668  1.000 90.60870  ? 17  DC A "C2'" 1 
ATOM   339 C  "C1'" . DC A 1 17 ? 3.81436   -16.53601 12.99278  1.000 88.44504  ? 17  DC A "C1'" 1 
ATOM   340 N  N1    . DC A 1 17 ? 4.26406   -16.91813 11.64142  1.000 82.38052  ? 17  DC A N1    1 
ATOM   341 C  C2    . DC A 1 17 ? 3.32814   -17.32388 10.69870  1.000 83.73133  ? 17  DC A C2    1 
ATOM   342 O  O2    . DC A 1 17 ? 2.13909   -17.35326 11.01855  1.000 89.16453  ? 17  DC A O2    1 
ATOM   343 N  N3    . DC A 1 17 ? 3.74869   -17.66820 9.45577   1.000 83.46386  ? 17  DC A N3    1 
ATOM   344 C  C4    . DC A 1 17 ? 5.04796   -17.61812 9.15397   1.000 87.02077  ? 17  DC A C4    1 
ATOM   345 N  N4    . DC A 1 17 ? 5.42054   -17.96999 7.91365   1.000 83.97484  ? 17  DC A N4    1 
ATOM   346 C  C5    . DC A 1 17 ? 6.02301   -17.20431 10.11191  1.000 87.57661  ? 17  DC A C5    1 
ATOM   347 C  C6    . DC A 1 17 ? 5.58885   -16.87012 11.33120  1.000 83.49409  ? 17  DC A C6    1 
ATOM   348 P  P     . DC A 1 18 ? 5.04428   -19.92345 16.17962  1.000 108.56741 ? 18  DC A P     1 
ATOM   349 O  OP1   . DC A 1 18 ? 5.26782   -20.14052 17.62834  1.000 115.02098 ? 18  DC A OP1   1 
ATOM   350 O  OP2   . DC A 1 18 ? 6.04318   -20.35289 15.16635  1.000 90.75996  ? 18  DC A OP2   1 
ATOM   351 O  "O5'" . DC A 1 18 ? 3.66790   -20.60840 15.80644  1.000 101.82030 ? 18  DC A "O5'" 1 
ATOM   352 C  "C5'" . DC A 1 18 ? 2.49648   -20.13877 16.41923  1.000 103.79484 ? 18  DC A "C5'" 1 
ATOM   353 C  "C4'" . DC A 1 18 ? 1.28518   -20.68561 15.71138  1.000 107.72750 ? 18  DC A "C4'" 1 
ATOM   354 O  "O4'" . DC A 1 18 ? 1.31220   -20.28378 14.31496  1.000 97.13121  ? 18  DC A "O4'" 1 
ATOM   355 C  "C3'" . DC A 1 18 ? 1.20064   -22.21127 15.70377  1.000 109.73911 ? 18  DC A "C3'" 1 
ATOM   356 O  "O3'" . DC A 1 18 ? -0.15021  -22.61106 15.88675  1.000 128.22477 ? 18  DC A "O3'" 1 
ATOM   357 C  "C2'" . DC A 1 18 ? 1.70632   -22.58146 14.31633  1.000 92.43935  ? 18  DC A "C2'" 1 
ATOM   358 C  "C1'" . DC A 1 18 ? 1.16098   -21.42551 13.50228  1.000 89.60290  ? 18  DC A "C1'" 1 
ATOM   359 N  N1    . DC A 1 18 ? 1.87380   -21.21470 12.25424  1.000 81.96181  ? 18  DC A N1    1 
ATOM   360 C  C2    . DC A 1 18 ? 1.18639   -21.35258 11.04642  1.000 84.45442  ? 18  DC A C2    1 
ATOM   361 O  O2    . DC A 1 18 ? -0.02311  -21.62212 11.06898  1.000 82.11343  ? 18  DC A O2    1 
ATOM   362 N  N3    . DC A 1 18 ? 1.85727   -21.16188 9.88490   1.000 84.59373  ? 18  DC A N3    1 
ATOM   363 C  C4    . DC A 1 18 ? 3.15851   -20.86696 9.90964   1.000 86.06670  ? 18  DC A C4    1 
ATOM   364 N  N4    . DC A 1 18 ? 3.78255   -20.69129 8.73799   1.000 83.91751  ? 18  DC A N4    1 
ATOM   365 C  C5    . DC A 1 18 ? 3.87833   -20.73839 11.13878  1.000 89.42692  ? 18  DC A C5    1 
ATOM   366 C  C6    . DC A 1 18 ? 3.20110   -20.92396 12.27617  1.000 85.75656  ? 18  DC A C6    1 
HETATM 367 SR SR    . SR B 2 .  ? -0.77653  -4.88890  1.42503   1.000 153.08913 ? 101 SR A SR    1 
# 
